data_7OPG
#
_entry.id   7OPG
#
_cell.length_a   56.390
_cell.length_b   116.930
_cell.length_c   91.800
_cell.angle_alpha   90.000
_cell.angle_beta   99.040
_cell.angle_gamma   90.000
#
_symmetry.space_group_name_H-M   'P 1 21 1'
#
loop_
_entity.id
_entity.type
_entity.pdbx_description
1 polymer 'Dual specificity protein kinase CLK1'
2 non-polymer 4-[2-(propylamino)imidazo[2,1-b][1,3,4]thiadiazol-5-yl]phenol
3 non-polymer GLYCEROL
4 non-polymer 'PHOSPHATE ION'
5 non-polymer '4-(2-HYDROXYETHYL)-1-PIPERAZINE ETHANESULFONIC ACID'
6 water water
#
_entity_poly.entity_id   1
_entity_poly.type   'polypeptide(L)'
_entity_poly.pdbx_seq_one_letter_code
;SMHLICQSGDVLSARYEIVDTLGEGAFGKVVECIDHKAGGRHVAVKIVKNVDRYCEAARSEIQVLEHLNTTDPNSTFRCV
QMLEWFEHHGHICIVFELLGLSTYDFIKENGFLPFRLDHIRKMAYQICKSVNFLHSNKLTHTDLKPENILFVQSDYTEAY
NPKIKRDERTLINPDIKVVDFGSATYDDEHHSTLVSTRHYRAPEVILALGWSQPCDVWSIGCILIEYYLGFTVFPTHDSK
EHLAMMERILGPLPKHMIQKTRKRKYFHHDRLDWDEHSSAGRYVSRACKPLKEFMLSQDVEHERLFDLIQKMLEYDPAKR
ITLREALKHPFFDLLKKSI
;
_entity_poly.pdbx_strand_id   A,B,C
#
# COMPACT_ATOMS: atom_id res chain seq x y z
N SER A 1 -1.39 31.07 27.94
CA SER A 1 -0.81 31.66 29.18
C SER A 1 0.70 31.79 28.97
N MET A 2 1.37 30.68 28.65
CA MET A 2 2.78 30.76 28.34
C MET A 2 3.14 31.77 27.23
N HIS A 3 2.36 31.72 26.18
CA HIS A 3 2.35 32.69 25.08
C HIS A 3 2.59 34.16 25.55
N LEU A 4 1.97 34.50 26.65
CA LEU A 4 1.99 35.87 27.14
C LEU A 4 3.32 36.27 27.73
N ILE A 5 4.17 35.28 28.04
CA ILE A 5 5.42 35.54 28.78
C ILE A 5 6.65 35.07 28.07
N CYS A 6 6.50 34.50 26.89
CA CYS A 6 7.64 33.90 26.21
C CYS A 6 7.95 34.61 24.92
N GLN A 7 7.53 35.88 24.78
CA GLN A 7 7.70 36.63 23.55
C GLN A 7 9.07 37.26 23.40
N SER A 8 9.49 37.38 22.15
CA SER A 8 10.66 38.11 21.82
C SER A 8 10.68 39.48 22.48
N GLY A 9 11.76 39.79 23.17
CA GLY A 9 11.89 41.09 23.88
C GLY A 9 11.48 41.07 25.34
N ASP A 10 10.78 40.03 25.78
CA ASP A 10 10.39 39.93 27.18
C ASP A 10 11.64 39.69 28.02
N VAL A 11 11.65 40.23 29.23
CA VAL A 11 12.74 40.01 30.13
C VAL A 11 12.34 39.10 31.28
N LEU A 12 13.10 38.03 31.47
CA LEU A 12 12.89 37.11 32.57
C LEU A 12 13.90 37.38 33.74
N SER A 13 13.36 37.40 34.96
CA SER A 13 14.17 37.43 36.16
C SER A 13 15.08 38.63 36.22
N ALA A 14 14.63 39.71 35.61
CA ALA A 14 15.38 40.95 35.51
C ALA A 14 16.80 40.80 34.88
N ARG A 15 16.94 39.90 33.92
CA ARG A 15 18.26 39.51 33.47
C ARG A 15 18.31 38.98 32.08
N TYR A 16 17.37 38.11 31.72
CA TYR A 16 17.41 37.34 30.46
C TYR A 16 16.45 37.90 29.45
N GLU A 17 16.95 38.48 28.38
CA GLU A 17 16.07 39.03 27.34
C GLU A 17 15.81 38.01 26.25
N ILE A 18 14.54 37.65 26.02
CA ILE A 18 14.22 36.66 24.99
C ILE A 18 14.51 37.14 23.57
N VAL A 19 15.24 36.34 22.81
CA VAL A 19 15.56 36.61 21.41
C VAL A 19 14.50 35.91 20.50
N ASP A 20 14.30 34.63 20.73
N ASP A 20 14.36 34.60 20.67
CA ASP A 20 13.19 33.91 20.09
CA ASP A 20 13.41 33.82 19.86
C ASP A 20 13.21 32.45 20.52
C ASP A 20 13.24 32.44 20.47
N THR A 21 12.29 31.69 19.94
CA THR A 21 12.00 30.34 20.39
C THR A 21 12.87 29.36 19.67
N LEU A 22 13.54 28.50 20.43
CA LEU A 22 14.37 27.45 19.82
C LEU A 22 13.58 26.19 19.53
N GLY A 23 12.67 25.84 20.40
CA GLY A 23 11.90 24.64 20.20
C GLY A 23 10.79 24.55 21.25
N GLU A 24 9.91 23.59 21.02
CA GLU A 24 8.68 23.47 21.76
C GLU A 24 8.42 22.00 21.94
N GLY A 25 7.90 21.63 23.08
CA GLY A 25 7.60 20.23 23.36
C GLY A 25 6.37 20.19 24.19
N ALA A 26 5.99 19.00 24.61
CA ALA A 26 4.79 18.86 25.43
C ALA A 26 4.99 19.59 26.75
N PHE A 27 6.25 19.67 27.23
CA PHE A 27 6.58 20.28 28.53
C PHE A 27 6.51 21.82 28.56
N GLY A 28 6.49 22.46 27.39
CA GLY A 28 6.63 23.92 27.29
C GLY A 28 7.56 24.25 26.15
N LYS A 29 8.43 25.23 26.35
CA LYS A 29 9.30 25.65 25.26
C LYS A 29 10.69 26.03 25.74
N VAL A 30 11.61 26.10 24.80
CA VAL A 30 12.93 26.60 25.07
C VAL A 30 13.18 27.81 24.20
N VAL A 31 13.63 28.90 24.83
CA VAL A 31 13.92 30.13 24.15
C VAL A 31 15.38 30.54 24.31
N GLU A 32 15.90 31.23 23.32
CA GLU A 32 17.23 31.78 23.38
C GLU A 32 17.12 33.14 24.01
N CYS A 33 18.00 33.43 24.99
CA CYS A 33 18.01 34.74 25.64
C CYS A 33 19.41 35.35 25.67
N ILE A 34 19.44 36.67 25.72
CA ILE A 34 20.62 37.43 26.07
C ILE A 34 20.67 37.56 27.58
N ASP A 35 21.78 37.12 28.18
CA ASP A 35 22.01 37.29 29.60
C ASP A 35 22.72 38.62 29.87
N HIS A 36 21.97 39.59 30.29
CA HIS A 36 22.46 40.96 30.48
C HIS A 36 23.32 41.09 31.69
N LYS A 37 23.33 40.09 32.54
CA LYS A 37 24.22 40.10 33.65
C LYS A 37 25.60 39.62 33.22
N ALA A 38 25.65 38.69 32.32
CA ALA A 38 26.91 38.02 32.04
C ALA A 38 27.42 38.61 30.73
N GLY A 39 27.30 39.93 30.62
CA GLY A 39 27.86 40.68 29.51
C GLY A 39 27.21 40.49 28.16
N GLY A 40 26.00 39.93 28.11
CA GLY A 40 25.32 39.70 26.86
C GLY A 40 25.46 38.33 26.29
N ARG A 41 26.10 37.39 27.00
CA ARG A 41 26.26 35.98 26.56
C ARG A 41 24.81 35.43 26.26
N HIS A 42 24.65 34.70 25.19
CA HIS A 42 23.41 34.00 24.93
C HIS A 42 23.31 32.68 25.69
N VAL A 43 22.10 32.40 26.17
CA VAL A 43 21.80 31.17 26.88
C VAL A 43 20.45 30.60 26.38
N ALA A 44 20.14 29.40 26.80
CA ALA A 44 18.84 28.78 26.49
C ALA A 44 18.07 28.77 27.78
N VAL A 45 16.80 29.15 27.72
CA VAL A 45 15.96 29.10 28.91
C VAL A 45 14.75 28.22 28.59
N LYS A 46 14.60 27.15 29.35
CA LYS A 46 13.44 26.28 29.23
C LYS A 46 12.30 26.82 30.13
N ILE A 47 11.17 27.16 29.52
CA ILE A 47 10.00 27.63 30.26
C ILE A 47 9.01 26.50 30.34
N VAL A 48 8.68 26.08 31.56
CA VAL A 48 7.91 24.88 31.76
C VAL A 48 6.45 25.23 31.95
N LYS A 49 5.58 24.46 31.29
CA LYS A 49 4.16 24.63 31.56
C LYS A 49 3.82 24.54 33.04
N ASN A 50 2.85 25.33 33.44
CA ASN A 50 2.44 25.36 34.80
C ASN A 50 1.37 24.28 34.98
N VAL A 51 1.77 23.02 34.83
CA VAL A 51 0.91 21.84 34.86
C VAL A 51 1.65 20.79 35.70
N ASP A 52 0.95 20.10 36.60
CA ASP A 52 1.60 19.30 37.66
C ASP A 52 2.65 18.37 37.13
N ARG A 53 2.28 17.65 36.09
CA ARG A 53 3.11 16.68 35.49
C ARG A 53 4.47 17.25 35.09
N TYR A 54 4.46 18.42 34.45
CA TYR A 54 5.69 19.02 33.95
C TYR A 54 6.45 19.78 35.03
N CYS A 55 5.77 20.39 35.98
CA CYS A 55 6.44 20.94 37.15
C CYS A 55 7.25 19.90 37.91
N GLU A 56 6.63 18.75 38.17
CA GLU A 56 7.28 17.65 38.88
C GLU A 56 8.50 17.13 38.10
N ALA A 57 8.38 16.97 36.79
CA ALA A 57 9.50 16.59 35.97
C ALA A 57 10.64 17.62 36.04
N ALA A 58 10.28 18.90 35.99
CA ALA A 58 11.24 19.96 36.02
C ALA A 58 11.99 19.96 37.34
N ARG A 59 11.30 19.75 38.44
CA ARG A 59 11.94 19.68 39.76
C ARG A 59 12.86 18.45 39.86
N SER A 60 12.43 17.33 39.28
CA SER A 60 13.24 16.15 39.26
C SER A 60 14.49 16.38 38.40
N GLU A 61 14.33 17.03 37.25
CA GLU A 61 15.44 17.33 36.39
C GLU A 61 16.48 18.19 37.09
N ILE A 62 16.01 19.20 37.80
CA ILE A 62 16.91 20.09 38.50
C ILE A 62 17.76 19.30 39.48
N GLN A 63 17.16 18.36 40.23
CA GLN A 63 17.92 17.52 41.14
CA GLN A 63 17.92 17.52 41.16
C GLN A 63 18.95 16.68 40.41
N VAL A 64 18.51 15.99 39.36
CA VAL A 64 19.41 15.12 38.60
C VAL A 64 20.58 15.92 38.01
N LEU A 65 20.33 17.07 37.40
CA LEU A 65 21.40 17.89 36.83
C LEU A 65 22.33 18.51 37.84
N GLU A 66 21.86 18.89 39.02
CA GLU A 66 22.79 19.33 40.04
C GLU A 66 23.77 18.21 40.43
N HIS A 67 23.26 17.00 40.53
CA HIS A 67 24.08 15.84 40.80
C HIS A 67 25.08 15.61 39.64
N LEU A 68 24.59 15.52 38.42
CA LEU A 68 25.46 15.25 37.25
C LEU A 68 26.47 16.35 36.97
N ASN A 69 26.02 17.61 37.02
CA ASN A 69 26.91 18.73 36.74
C ASN A 69 27.97 18.88 37.83
N THR A 70 27.67 18.46 39.05
CA THR A 70 28.69 18.45 40.09
C THR A 70 29.65 17.29 39.95
N THR A 71 29.15 16.13 39.59
CA THR A 71 30.02 14.96 39.41
C THR A 71 30.94 15.15 38.19
N ASP A 72 30.49 15.86 37.18
CA ASP A 72 31.22 16.04 35.96
C ASP A 72 31.17 17.50 35.58
N PRO A 73 31.87 18.36 36.33
CA PRO A 73 31.79 19.81 36.05
C PRO A 73 32.25 20.25 34.65
N ASN A 74 33.15 19.51 34.02
CA ASN A 74 33.65 19.90 32.69
C ASN A 74 32.86 19.29 31.56
N SER A 75 31.78 18.59 31.89
CA SER A 75 30.95 17.96 30.88
C SER A 75 31.76 16.99 30.01
N THR A 76 32.69 16.29 30.64
CA THR A 76 33.45 15.26 29.99
C THR A 76 32.51 14.25 29.37
N PHE A 77 31.40 14.00 30.03
CA PHE A 77 30.43 13.03 29.59
C PHE A 77 29.22 13.62 28.90
N ARG A 78 29.32 14.89 28.53
CA ARG A 78 28.44 15.52 27.57
C ARG A 78 26.93 15.61 27.94
N CYS A 79 26.61 15.60 29.22
CA CYS A 79 25.28 16.04 29.66
C CYS A 79 25.25 17.57 29.59
N VAL A 80 24.13 18.12 29.15
CA VAL A 80 23.98 19.58 29.12
C VAL A 80 24.26 20.24 30.50
N GLN A 81 24.83 21.41 30.46
CA GLN A 81 25.13 22.16 31.63
C GLN A 81 23.91 23.07 32.01
N MET A 82 23.32 22.85 33.20
CA MET A 82 22.29 23.76 33.71
C MET A 82 22.97 24.88 34.48
N LEU A 83 22.58 26.12 34.23
CA LEU A 83 23.25 27.23 34.89
C LEU A 83 22.51 27.70 36.14
N GLU A 84 21.19 27.78 36.08
CA GLU A 84 20.37 28.16 37.22
C GLU A 84 18.91 27.93 36.90
N TRP A 85 18.04 28.15 37.90
CA TRP A 85 16.61 28.11 37.68
C TRP A 85 15.89 29.19 38.48
N PHE A 86 14.70 29.57 38.03
CA PHE A 86 13.91 30.58 38.73
C PHE A 86 12.44 30.45 38.31
N GLU A 87 11.61 31.32 38.85
CA GLU A 87 10.19 31.29 38.57
C GLU A 87 9.76 32.60 37.98
N HIS A 88 8.95 32.54 36.96
CA HIS A 88 8.52 33.70 36.24
C HIS A 88 7.03 33.57 35.96
N HIS A 89 6.24 34.45 36.58
CA HIS A 89 4.78 34.47 36.46
C HIS A 89 4.22 33.06 36.70
N GLY A 90 4.64 32.42 37.78
CA GLY A 90 4.24 31.05 38.09
C GLY A 90 4.84 29.89 37.30
N HIS A 91 5.75 30.14 36.35
CA HIS A 91 6.37 29.09 35.55
C HIS A 91 7.78 28.83 36.04
N ILE A 92 8.16 27.57 36.20
CA ILE A 92 9.56 27.20 36.43
C ILE A 92 10.32 27.47 35.14
N CYS A 93 11.45 28.15 35.25
CA CYS A 93 12.34 28.36 34.13
C CYS A 93 13.74 27.84 34.49
N ILE A 94 14.36 27.10 33.57
CA ILE A 94 15.68 26.54 33.80
C ILE A 94 16.60 27.05 32.73
N VAL A 95 17.75 27.61 33.13
CA VAL A 95 18.71 28.20 32.21
C VAL A 95 19.79 27.16 31.90
N PHE A 96 20.13 27.02 30.63
CA PHE A 96 21.15 26.11 30.19
C PHE A 96 22.15 26.84 29.30
N GLU A 97 23.32 26.27 29.15
CA GLU A 97 24.24 26.66 28.08
C GLU A 97 23.55 26.57 26.75
N LEU A 98 23.83 27.49 25.87
CA LEU A 98 23.17 27.50 24.54
C LEU A 98 23.88 26.50 23.58
N LEU A 99 23.12 25.56 23.05
CA LEU A 99 23.63 24.57 22.10
C LEU A 99 23.08 24.94 20.72
N GLY A 100 23.29 24.07 19.73
CA GLY A 100 22.70 24.24 18.40
C GLY A 100 21.41 23.39 18.24
N LEU A 101 21.07 23.10 17.01
CA LEU A 101 19.93 22.32 16.65
C LEU A 101 20.01 20.90 17.22
N SER A 102 18.87 20.34 17.54
CA SER A 102 18.79 18.92 17.78
C SER A 102 19.16 18.16 16.52
N THR A 103 19.58 16.95 16.73
CA THR A 103 19.89 16.02 15.62
C THR A 103 18.61 15.81 14.82
N TYR A 104 17.46 15.76 15.48
CA TYR A 104 16.20 15.64 14.79
C TYR A 104 15.96 16.82 13.88
N ASP A 105 16.04 18.01 14.43
CA ASP A 105 15.77 19.21 13.61
C ASP A 105 16.79 19.35 12.48
N PHE A 106 18.02 18.95 12.72
CA PHE A 106 19.00 19.00 11.64
C PHE A 106 18.55 18.11 10.45
N ILE A 107 18.15 16.89 10.79
CA ILE A 107 17.66 15.92 9.74
C ILE A 107 16.44 16.46 9.00
N LYS A 108 15.51 17.02 9.78
CA LYS A 108 14.29 17.59 9.23
C LYS A 108 14.54 18.75 8.31
N GLU A 109 15.36 19.69 8.74
CA GLU A 109 15.71 20.80 7.90
C GLU A 109 16.52 20.39 6.70
N ASN A 110 17.20 19.23 6.73
CA ASN A 110 18.00 18.81 5.57
C ASN A 110 17.18 17.89 4.66
N GLY A 111 15.86 17.98 4.77
CA GLY A 111 14.96 17.20 3.94
C GLY A 111 14.92 15.71 4.26
N PHE A 112 15.03 15.37 5.52
CA PHE A 112 15.08 13.99 6.00
C PHE A 112 16.13 13.13 5.24
N LEU A 113 17.33 13.68 5.12
CA LEU A 113 18.49 12.95 4.69
C LEU A 113 19.32 12.47 5.90
N PRO A 114 20.04 11.37 5.74
CA PRO A 114 20.82 10.80 6.82
C PRO A 114 22.15 11.54 7.04
N PHE A 115 22.77 11.32 8.19
CA PHE A 115 24.13 11.74 8.40
C PHE A 115 25.17 10.82 7.73
N ARG A 116 26.35 11.34 7.48
CA ARG A 116 27.40 10.54 6.88
C ARG A 116 27.90 9.57 7.92
N LEU A 117 28.46 8.45 7.50
CA LEU A 117 28.86 7.41 8.45
C LEU A 117 29.94 7.85 9.46
N ASP A 118 30.87 8.68 9.03
CA ASP A 118 31.92 9.11 9.95
C ASP A 118 31.38 9.96 11.03
N HIS A 119 30.40 10.77 10.69
CA HIS A 119 29.66 11.52 11.73
C HIS A 119 28.82 10.65 12.66
N ILE A 120 28.16 9.64 12.11
CA ILE A 120 27.38 8.74 12.93
C ILE A 120 28.27 8.06 13.94
N ARG A 121 29.45 7.63 13.47
CA ARG A 121 30.39 6.99 14.38
C ARG A 121 30.73 7.88 15.58
N LYS A 122 31.10 9.11 15.30
CA LYS A 122 31.44 10.06 16.39
C LYS A 122 30.26 10.38 17.30
N MET A 123 29.08 10.55 16.71
CA MET A 123 27.92 10.89 17.49
C MET A 123 27.51 9.70 18.34
N ALA A 124 27.54 8.49 17.76
CA ALA A 124 27.18 7.32 18.50
C ALA A 124 28.09 7.09 19.67
N TYR A 125 29.38 7.31 19.45
CA TYR A 125 30.33 7.11 20.52
C TYR A 125 30.04 8.05 21.70
N GLN A 126 29.79 9.30 21.37
CA GLN A 126 29.49 10.28 22.40
C GLN A 126 28.19 10.03 23.09
N ILE A 127 27.18 9.59 22.35
CA ILE A 127 25.88 9.24 23.00
C ILE A 127 26.07 8.05 23.95
N CYS A 128 26.78 7.03 23.50
CA CYS A 128 27.03 5.89 24.36
C CYS A 128 27.82 6.26 25.61
N LYS A 129 28.82 7.13 25.44
CA LYS A 129 29.67 7.53 26.54
C LYS A 129 28.90 8.33 27.60
N SER A 130 28.06 9.23 27.11
CA SER A 130 27.25 10.06 27.94
C SER A 130 26.20 9.25 28.71
N VAL A 131 25.48 8.38 28.01
CA VAL A 131 24.43 7.61 28.66
C VAL A 131 25.06 6.52 29.54
N ASN A 132 26.22 5.99 29.15
CA ASN A 132 26.93 5.08 30.04
C ASN A 132 27.32 5.73 31.39
N PHE A 133 27.71 7.01 31.34
CA PHE A 133 27.98 7.78 32.56
C PHE A 133 26.72 7.82 33.43
N LEU A 134 25.59 8.03 32.83
CA LEU A 134 24.34 7.93 33.62
C LEU A 134 24.19 6.54 34.24
N HIS A 135 24.35 5.52 33.39
CA HIS A 135 24.20 4.16 33.87
C HIS A 135 25.19 3.80 34.97
N SER A 136 26.37 4.42 34.97
CA SER A 136 27.36 4.19 36.02
C SER A 136 26.97 4.84 37.30
N ASN A 137 26.02 5.77 37.23
CA ASN A 137 25.59 6.52 38.38
C ASN A 137 24.16 6.17 38.79
N LYS A 138 23.76 4.92 38.51
CA LYS A 138 22.47 4.35 38.88
C LYS A 138 21.26 5.05 38.30
N LEU A 139 21.42 5.59 37.10
CA LEU A 139 20.38 6.34 36.41
C LEU A 139 20.05 5.72 35.09
N THR A 140 18.79 5.85 34.72
CA THR A 140 18.33 5.52 33.41
C THR A 140 17.64 6.80 32.86
N HIS A 141 17.96 7.20 31.63
CA HIS A 141 17.41 8.40 31.05
C HIS A 141 15.90 8.21 30.79
N THR A 142 15.59 7.13 30.06
CA THR A 142 14.25 6.68 29.69
C THR A 142 13.61 7.43 28.50
N ASP A 143 14.16 8.55 28.08
CA ASP A 143 13.57 9.30 26.97
C ASP A 143 14.55 9.76 25.92
N LEU A 144 15.44 8.87 25.55
CA LEU A 144 16.40 9.19 24.50
C LEU A 144 15.70 9.15 23.16
N LYS A 145 15.96 10.15 22.35
CA LYS A 145 15.43 10.28 20.99
C LYS A 145 16.20 11.40 20.32
N PRO A 146 16.12 11.53 19.00
CA PRO A 146 16.98 12.50 18.32
C PRO A 146 16.70 13.95 18.71
N GLU A 147 15.49 14.23 19.11
CA GLU A 147 15.14 15.56 19.65
C GLU A 147 15.89 15.93 20.93
N ASN A 148 16.34 14.91 21.68
CA ASN A 148 17.01 15.11 22.97
C ASN A 148 18.53 14.97 22.85
N ILE A 149 19.05 14.86 21.62
CA ILE A 149 20.47 14.89 21.36
C ILE A 149 20.69 16.12 20.55
N LEU A 150 21.50 17.02 21.08
CA LEU A 150 21.73 18.32 20.43
C LEU A 150 23.20 18.51 20.03
N PHE A 151 23.39 19.09 18.84
CA PHE A 151 24.70 19.48 18.43
C PHE A 151 25.16 20.63 19.29
N VAL A 152 26.41 20.55 19.68
CA VAL A 152 27.07 21.69 20.26
C VAL A 152 27.08 22.90 19.32
N GLN A 153 27.44 22.66 18.07
CA GLN A 153 27.27 23.65 17.03
C GLN A 153 26.70 22.96 15.82
N SER A 154 25.65 23.54 15.27
CA SER A 154 24.98 22.85 14.15
C SER A 154 25.30 23.49 12.80
N ASP A 155 26.27 24.38 12.76
CA ASP A 155 26.70 24.94 11.51
C ASP A 155 26.98 23.86 10.42
N TYR A 156 26.77 24.22 9.18
CA TYR A 156 27.04 23.32 8.05
C TYR A 156 27.55 24.08 6.86
N THR A 157 28.12 23.35 5.89
CA THR A 157 28.40 23.91 4.57
C THR A 157 27.38 23.35 3.59
N GLU A 158 27.18 24.04 2.49
CA GLU A 158 26.07 23.72 1.61
C GLU A 158 26.55 23.80 0.19
N ALA A 159 26.37 22.72 -0.57
CA ALA A 159 26.74 22.76 -2.00
C ALA A 159 25.78 21.91 -2.81
N TYR A 160 25.67 22.22 -4.10
CA TYR A 160 24.91 21.41 -5.02
C TYR A 160 25.60 20.05 -5.18
N ASN A 161 24.85 18.98 -4.95
CA ASN A 161 25.34 17.65 -5.17
C ASN A 161 24.73 17.09 -6.47
N PRO A 162 25.53 17.01 -7.55
CA PRO A 162 24.99 16.51 -8.84
C PRO A 162 24.38 15.12 -8.74
N LYS A 163 24.98 14.25 -7.95
CA LYS A 163 24.46 12.89 -7.79
C LYS A 163 22.97 12.83 -7.39
N ILE A 164 22.57 13.54 -6.35
CA ILE A 164 21.16 13.55 -5.92
C ILE A 164 20.34 14.75 -6.45
N LYS A 165 20.88 15.47 -7.43
CA LYS A 165 20.23 16.65 -8.05
C LYS A 165 19.60 17.66 -7.08
N ARG A 166 20.18 17.83 -5.90
CA ARG A 166 19.70 18.81 -4.92
C ARG A 166 20.86 19.42 -4.08
N ASP A 167 20.61 20.58 -3.52
CA ASP A 167 21.56 21.14 -2.60
C ASP A 167 21.58 20.25 -1.39
N GLU A 168 22.72 20.23 -0.71
CA GLU A 168 22.83 19.40 0.47
C GLU A 168 23.77 20.04 1.48
N ARG A 169 23.36 19.88 2.72
CA ARG A 169 24.05 20.43 3.82
C ARG A 169 25.01 19.36 4.36
N THR A 170 26.23 19.79 4.66
CA THR A 170 27.19 18.96 5.34
C THR A 170 27.53 19.57 6.69
N LEU A 171 27.18 18.86 7.74
CA LEU A 171 27.53 19.21 9.08
C LEU A 171 29.05 19.42 9.25
N ILE A 172 29.42 20.48 9.95
CA ILE A 172 30.86 20.82 10.16
C ILE A 172 31.39 20.08 11.39
N ASN A 173 30.73 20.19 12.52
CA ASN A 173 31.17 19.59 13.77
C ASN A 173 30.08 18.74 14.38
N PRO A 174 30.31 17.44 14.45
CA PRO A 174 29.24 16.55 14.91
C PRO A 174 29.19 16.33 16.44
N ASP A 175 29.95 17.08 17.24
CA ASP A 175 29.87 16.93 18.70
C ASP A 175 28.45 17.16 19.23
N ILE A 176 28.05 16.35 20.20
CA ILE A 176 26.74 16.44 20.78
C ILE A 176 26.72 16.54 22.29
N LYS A 177 25.53 16.91 22.83
CA LYS A 177 25.20 16.77 24.23
C LYS A 177 23.82 16.17 24.38
N VAL A 178 23.59 15.52 25.50
CA VAL A 178 22.30 14.92 25.82
C VAL A 178 21.51 15.89 26.72
N VAL A 179 20.23 16.06 26.44
CA VAL A 179 19.34 16.90 27.24
C VAL A 179 18.11 16.12 27.71
N ASP A 180 17.32 16.81 28.53
CA ASP A 180 16.09 16.39 29.10
C ASP A 180 16.20 15.26 30.12
N PHE A 181 16.38 15.67 31.36
CA PHE A 181 16.53 14.73 32.47
C PHE A 181 15.32 14.71 33.40
N GLY A 182 14.19 15.14 32.86
CA GLY A 182 12.92 15.15 33.62
C GLY A 182 12.27 13.79 33.82
N SER A 183 12.67 12.77 33.05
CA SER A 183 12.13 11.45 33.24
C SER A 183 13.16 10.48 33.83
N ALA A 184 14.41 10.95 33.99
CA ALA A 184 15.53 10.12 34.42
C ALA A 184 15.22 9.56 35.78
N THR A 185 15.46 8.27 35.94
CA THR A 185 15.05 7.55 37.13
C THR A 185 16.24 6.84 37.76
N TYR A 186 16.38 6.95 39.08
CA TYR A 186 17.42 6.24 39.84
C TYR A 186 16.99 4.81 40.07
N ASP A 187 17.96 3.92 40.17
CA ASP A 187 17.68 2.51 40.35
C ASP A 187 16.70 2.24 41.48
N ASP A 188 16.81 3.01 42.57
CA ASP A 188 16.01 2.71 43.75
C ASP A 188 14.73 3.52 43.86
N GLU A 189 14.42 4.32 42.85
CA GLU A 189 13.16 5.09 42.80
C GLU A 189 12.11 4.33 42.06
N HIS A 190 10.90 4.89 42.11
CA HIS A 190 9.72 4.29 41.51
C HIS A 190 9.85 4.35 39.99
N HIS A 191 9.62 3.21 39.35
CA HIS A 191 9.66 3.09 37.91
C HIS A 191 8.20 3.17 37.37
N SER A 192 7.88 4.21 36.61
CA SER A 192 6.55 4.27 35.98
C SER A 192 6.44 3.13 35.00
N THR A 193 5.21 2.65 34.80
CA THR A 193 4.97 1.60 33.85
C THR A 193 5.31 2.08 32.42
N LEU A 194 4.92 3.31 32.10
CA LEU A 194 5.12 3.84 30.77
C LEU A 194 6.26 4.85 30.73
N VAL A 195 7.23 4.57 29.87
CA VAL A 195 8.34 5.51 29.64
C VAL A 195 8.68 5.52 28.15
N SER A 196 9.54 6.50 27.78
CA SER A 196 10.04 6.69 26.44
C SER A 196 8.97 7.25 25.48
N THR A 197 9.44 7.96 24.48
CA THR A 197 8.59 8.37 23.37
C THR A 197 8.37 7.11 22.56
N ARG A 198 7.16 6.92 22.07
CA ARG A 198 6.75 5.65 21.53
C ARG A 198 7.74 5.04 20.58
N HIS A 199 8.20 5.81 19.59
CA HIS A 199 9.02 5.27 18.53
C HIS A 199 10.37 4.71 19.02
N TYR A 200 10.79 5.12 20.24
CA TYR A 200 12.10 4.74 20.79
C TYR A 200 11.94 3.78 21.98
N ARG A 201 10.72 3.27 22.16
CA ARG A 201 10.33 2.57 23.32
C ARG A 201 10.69 1.09 23.18
N ALA A 202 11.32 0.55 24.22
CA ALA A 202 11.78 -0.84 24.23
C ALA A 202 10.63 -1.82 24.39
N PRO A 203 10.80 -3.07 23.90
CA PRO A 203 9.73 -4.02 23.97
C PRO A 203 9.33 -4.38 25.39
N GLU A 204 10.28 -4.46 26.32
CA GLU A 204 9.96 -4.67 27.75
C GLU A 204 9.07 -3.54 28.33
N VAL A 205 9.20 -2.33 27.78
CA VAL A 205 8.37 -1.25 28.22
C VAL A 205 6.95 -1.37 27.60
N ILE A 206 6.87 -1.65 26.32
CA ILE A 206 5.59 -1.87 25.66
C ILE A 206 4.83 -3.00 26.35
N LEU A 207 5.54 -4.06 26.75
CA LEU A 207 4.90 -5.21 27.33
C LEU A 207 4.78 -5.10 28.83
N ALA A 208 5.21 -3.96 29.37
CA ALA A 208 5.11 -3.67 30.81
C ALA A 208 5.73 -4.78 31.65
N LEU A 209 6.94 -5.20 31.27
CA LEU A 209 7.66 -6.26 31.97
C LEU A 209 8.63 -5.74 33.03
N GLY A 210 8.74 -4.43 33.19
CA GLY A 210 9.76 -3.84 34.05
C GLY A 210 10.94 -3.45 33.19
N TRP A 211 11.62 -2.39 33.58
CA TRP A 211 12.69 -1.88 32.76
C TRP A 211 13.80 -1.31 33.62
N SER A 212 14.98 -1.16 33.04
CA SER A 212 16.06 -0.43 33.69
C SER A 212 17.00 0.04 32.60
N GLN A 213 18.29 0.08 32.86
CA GLN A 213 19.22 0.70 31.94
C GLN A 213 19.14 0.15 30.51
N PRO A 214 18.87 -1.17 30.34
CA PRO A 214 18.80 -1.64 28.98
C PRO A 214 17.78 -0.95 28.07
N CYS A 215 16.71 -0.40 28.63
CA CYS A 215 15.74 0.30 27.77
C CYS A 215 16.35 1.51 27.07
N ASP A 216 17.34 2.15 27.68
CA ASP A 216 18.09 3.22 27.04
C ASP A 216 18.92 2.72 25.86
N VAL A 217 19.48 1.51 25.96
CA VAL A 217 20.26 0.93 24.87
C VAL A 217 19.34 0.65 23.65
N TRP A 218 18.15 0.13 23.89
CA TRP A 218 17.19 0.01 22.83
C TRP A 218 16.89 1.33 22.12
N SER A 219 16.63 2.37 22.89
CA SER A 219 16.38 3.69 22.30
C SER A 219 17.53 4.16 21.44
N ILE A 220 18.73 4.01 21.94
CA ILE A 220 19.91 4.35 21.17
C ILE A 220 20.00 3.58 19.85
N GLY A 221 19.70 2.28 19.88
CA GLY A 221 19.69 1.55 18.62
C GLY A 221 18.75 2.17 17.61
N CYS A 222 17.58 2.57 18.10
CA CYS A 222 16.58 3.21 17.24
C CYS A 222 17.08 4.56 16.72
N ILE A 223 17.79 5.29 17.55
CA ILE A 223 18.36 6.56 17.13
C ILE A 223 19.43 6.36 16.03
N LEU A 224 20.29 5.40 16.21
CA LEU A 224 21.37 5.16 15.23
C LEU A 224 20.90 4.79 13.88
N ILE A 225 19.88 3.93 13.81
CA ILE A 225 19.32 3.56 12.54
C ILE A 225 18.65 4.74 11.85
N GLU A 226 18.01 5.60 12.62
CA GLU A 226 17.44 6.82 12.10
C GLU A 226 18.48 7.80 11.58
N TYR A 227 19.63 7.88 12.24
CA TYR A 227 20.73 8.71 11.73
C TYR A 227 21.32 8.16 10.41
N TYR A 228 21.28 6.84 10.29
CA TYR A 228 21.74 6.16 9.08
C TYR A 228 20.80 6.27 7.88
N LEU A 229 19.50 6.23 8.15
CA LEU A 229 18.49 6.21 7.09
C LEU A 229 17.82 7.55 6.83
N GLY A 230 17.80 8.39 7.83
CA GLY A 230 17.16 9.71 7.74
C GLY A 230 15.68 9.70 8.15
N PHE A 231 15.20 8.56 8.58
CA PHE A 231 13.81 8.46 8.94
C PHE A 231 13.63 7.49 10.09
N THR A 232 12.50 7.68 10.79
CA THR A 232 12.14 6.96 12.00
C THR A 232 11.79 5.59 11.60
N VAL A 233 12.33 4.63 12.26
CA VAL A 233 12.13 3.23 11.79
C VAL A 233 10.80 2.61 12.31
N PHE A 234 10.26 3.15 13.41
CA PHE A 234 8.94 2.70 13.93
C PHE A 234 7.98 3.91 14.03
N PRO A 235 7.47 4.41 12.92
CA PRO A 235 6.79 5.70 12.94
C PRO A 235 5.32 5.69 13.41
N THR A 236 4.79 4.49 13.57
CA THR A 236 3.44 4.21 14.04
C THR A 236 3.09 4.84 15.39
N HIS A 237 1.77 4.98 15.63
CA HIS A 237 1.29 5.50 16.91
C HIS A 237 0.42 4.50 17.64
N ASP A 238 0.57 3.22 17.30
CA ASP A 238 -0.25 2.16 17.84
C ASP A 238 0.66 1.04 18.29
N SER A 239 0.44 0.55 19.51
CA SER A 239 1.38 -0.38 20.11
C SER A 239 1.44 -1.71 19.39
N LYS A 240 0.28 -2.24 19.00
CA LYS A 240 0.29 -3.54 18.33
C LYS A 240 0.98 -3.51 16.98
N GLU A 241 0.74 -2.45 16.23
CA GLU A 241 1.39 -2.25 14.94
C GLU A 241 2.90 -2.10 15.12
N HIS A 242 3.28 -1.44 16.19
CA HIS A 242 4.69 -1.25 16.54
C HIS A 242 5.36 -2.60 16.71
N LEU A 243 4.68 -3.47 17.45
CA LEU A 243 5.18 -4.79 17.69
C LEU A 243 5.21 -5.57 16.38
N ALA A 244 4.24 -5.34 15.51
CA ALA A 244 4.25 -6.01 14.22
C ALA A 244 5.43 -5.53 13.36
N MET A 245 5.75 -4.25 13.44
CA MET A 245 6.91 -3.71 12.74
C MET A 245 8.21 -4.33 13.29
N MET A 246 8.31 -4.42 14.62
CA MET A 246 9.43 -5.11 15.24
C MET A 246 9.62 -6.55 14.68
N GLU A 247 8.54 -7.30 14.61
CA GLU A 247 8.62 -8.70 14.17
C GLU A 247 9.10 -8.78 12.73
N ARG A 248 8.66 -7.87 11.90
CA ARG A 248 9.12 -7.87 10.51
C ARG A 248 10.60 -7.48 10.38
N ILE A 249 11.06 -6.55 11.20
CA ILE A 249 12.45 -6.10 11.06
C ILE A 249 13.45 -6.98 11.85
N LEU A 250 13.01 -7.49 13.02
CA LEU A 250 13.90 -8.21 13.93
C LEU A 250 13.55 -9.69 14.15
N GLY A 251 12.44 -10.17 13.62
CA GLY A 251 11.99 -11.52 13.94
C GLY A 251 11.02 -11.57 15.13
N PRO A 252 10.46 -12.78 15.36
CA PRO A 252 9.45 -12.92 16.40
C PRO A 252 9.99 -12.59 17.77
N LEU A 253 9.11 -12.06 18.61
CA LEU A 253 9.42 -11.80 19.97
C LEU A 253 9.74 -13.09 20.70
N PRO A 254 10.59 -13.02 21.72
CA PRO A 254 10.79 -14.22 22.53
C PRO A 254 9.52 -14.69 23.24
N LYS A 255 9.28 -16.00 23.19
CA LYS A 255 8.13 -16.61 23.80
C LYS A 255 8.01 -16.31 25.29
N HIS A 256 9.13 -16.28 26.01
CA HIS A 256 9.07 -16.07 27.45
C HIS A 256 8.59 -14.64 27.81
N MET A 257 8.90 -13.69 26.97
CA MET A 257 8.40 -12.33 27.20
C MET A 257 6.93 -12.22 26.92
N ILE A 258 6.50 -12.85 25.83
CA ILE A 258 5.09 -12.91 25.51
C ILE A 258 4.30 -13.56 26.65
N GLN A 259 4.85 -14.61 27.23
CA GLN A 259 4.14 -15.33 28.26
C GLN A 259 4.05 -14.56 29.56
N LYS A 260 5.03 -13.70 29.80
CA LYS A 260 5.10 -12.99 31.04
C LYS A 260 4.26 -11.70 31.08
N THR A 261 4.05 -11.06 29.94
CA THR A 261 3.35 -9.78 29.90
C THR A 261 1.91 -9.85 30.39
N ARG A 262 1.45 -8.73 30.95
CA ARG A 262 0.07 -8.54 31.34
C ARG A 262 -0.77 -7.89 30.25
N LYS A 263 -0.12 -7.42 29.19
CA LYS A 263 -0.80 -6.85 28.03
C LYS A 263 -1.32 -7.92 27.10
N ARG A 264 -2.34 -8.64 27.56
CA ARG A 264 -2.83 -9.79 26.84
C ARG A 264 -3.50 -9.34 25.55
N LYS A 265 -4.06 -8.14 25.56
CA LYS A 265 -4.71 -7.63 24.37
C LYS A 265 -3.90 -7.67 23.07
N TYR A 266 -2.58 -7.73 23.14
CA TYR A 266 -1.78 -7.78 21.95
C TYR A 266 -1.68 -9.18 21.37
N PHE A 267 -2.11 -10.19 22.12
CA PHE A 267 -1.71 -11.55 21.82
C PHE A 267 -2.84 -12.51 21.79
N HIS A 268 -2.65 -13.59 21.07
CA HIS A 268 -3.64 -14.68 21.07
C HIS A 268 -2.86 -15.95 20.92
N HIS A 269 -3.04 -16.85 21.87
CA HIS A 269 -2.27 -18.11 21.91
C HIS A 269 -0.77 -17.84 21.82
N ASP A 270 -0.31 -16.87 22.59
CA ASP A 270 1.11 -16.48 22.67
C ASP A 270 1.75 -16.07 21.35
N ARG A 271 0.95 -15.51 20.47
CA ARG A 271 1.44 -14.94 19.22
C ARG A 271 0.78 -13.61 19.06
N LEU A 272 1.48 -12.69 18.41
CA LEU A 272 0.96 -11.36 18.20
C LEU A 272 -0.35 -11.47 17.44
N ASP A 273 -1.40 -10.80 17.94
CA ASP A 273 -2.75 -10.90 17.33
C ASP A 273 -2.89 -9.91 16.18
N TRP A 274 -2.31 -10.26 15.05
CA TRP A 274 -2.01 -9.30 14.00
C TRP A 274 -2.35 -9.92 12.67
N ASP A 275 -3.32 -9.37 11.98
CA ASP A 275 -3.65 -9.92 10.67
C ASP A 275 -2.73 -9.37 9.59
N GLU A 276 -1.77 -10.18 9.15
CA GLU A 276 -0.80 -9.79 8.10
C GLU A 276 -1.43 -9.45 6.77
N HIS A 277 -2.63 -9.99 6.51
CA HIS A 277 -3.31 -9.81 5.22
C HIS A 277 -4.36 -8.70 5.29
N SER A 278 -4.54 -8.08 6.45
CA SER A 278 -5.31 -6.85 6.52
C SER A 278 -4.52 -5.76 5.82
N SER A 279 -5.16 -4.62 5.61
CA SER A 279 -4.53 -3.50 4.95
C SER A 279 -3.31 -3.00 5.73
N ALA A 280 -3.47 -2.75 7.03
CA ALA A 280 -2.34 -2.38 7.90
C ALA A 280 -1.24 -3.42 7.81
N GLY A 281 -1.65 -4.68 7.77
CA GLY A 281 -0.74 -5.79 7.68
C GLY A 281 0.11 -5.76 6.42
N ARG A 282 -0.50 -5.51 5.27
CA ARG A 282 0.24 -5.48 4.00
C ARG A 282 1.16 -4.27 3.94
N TYR A 283 0.71 -3.14 4.50
CA TYR A 283 1.57 -1.99 4.63
C TYR A 283 2.79 -2.33 5.43
N VAL A 284 2.61 -2.92 6.61
CA VAL A 284 3.77 -3.25 7.44
C VAL A 284 4.70 -4.16 6.65
N SER A 285 4.18 -5.20 5.98
CA SER A 285 5.02 -6.13 5.20
CA SER A 285 5.01 -6.15 5.20
C SER A 285 5.82 -5.49 4.06
N ARG A 286 5.20 -4.56 3.34
CA ARG A 286 5.89 -3.87 2.25
C ARG A 286 6.75 -2.71 2.73
N ALA A 287 6.39 -2.06 3.84
CA ALA A 287 7.25 -0.95 4.32
C ALA A 287 8.44 -1.42 5.17
N CYS A 288 8.28 -2.51 5.91
CA CYS A 288 9.29 -2.93 6.90
C CYS A 288 9.93 -4.13 6.31
N LYS A 289 11.16 -4.38 6.70
CA LYS A 289 11.85 -5.55 6.19
C LYS A 289 12.98 -5.84 7.13
N PRO A 290 13.62 -6.99 6.94
CA PRO A 290 14.61 -7.37 7.92
C PRO A 290 15.70 -6.32 8.02
N LEU A 291 16.16 -6.11 9.24
CA LEU A 291 17.10 -5.04 9.58
C LEU A 291 18.22 -4.87 8.55
N LYS A 292 18.87 -5.96 8.19
CA LYS A 292 20.09 -5.86 7.37
C LYS A 292 19.77 -5.45 5.97
N GLU A 293 18.54 -5.60 5.54
CA GLU A 293 18.17 -5.16 4.22
CA GLU A 293 18.17 -5.15 4.21
C GLU A 293 18.10 -3.63 4.10
N PHE A 294 18.11 -2.93 5.23
CA PHE A 294 18.21 -1.47 5.22
C PHE A 294 19.60 -0.94 4.89
N MET A 295 20.62 -1.78 4.94
CA MET A 295 21.97 -1.34 4.72
C MET A 295 22.12 -0.78 3.34
N LEU A 296 22.80 0.35 3.22
CA LEU A 296 22.92 1.03 1.94
C LEU A 296 24.20 0.63 1.20
N SER A 297 25.09 -0.10 1.90
CA SER A 297 26.35 -0.58 1.34
C SER A 297 26.72 -1.88 2.07
N GLN A 298 27.43 -2.76 1.39
CA GLN A 298 27.99 -3.93 2.00
C GLN A 298 29.42 -3.69 2.56
N ASP A 299 29.96 -2.48 2.45
CA ASP A 299 31.25 -2.16 3.03
C ASP A 299 31.28 -2.57 4.49
N VAL A 300 32.44 -3.00 4.93
CA VAL A 300 32.59 -3.54 6.26
C VAL A 300 32.23 -2.55 7.36
N GLU A 301 32.46 -1.25 7.14
CA GLU A 301 32.08 -0.27 8.18
C GLU A 301 30.57 -0.19 8.38
N HIS A 302 29.83 -0.34 7.30
CA HIS A 302 28.38 -0.42 7.42
C HIS A 302 27.99 -1.73 8.13
N GLU A 303 28.64 -2.83 7.80
CA GLU A 303 28.36 -4.07 8.49
C GLU A 303 28.62 -3.94 9.99
N ARG A 304 29.67 -3.22 10.34
CA ARG A 304 29.99 -3.04 11.77
C ARG A 304 28.95 -2.28 12.49
N LEU A 305 28.47 -1.21 11.87
CA LEU A 305 27.40 -0.42 12.48
C LEU A 305 26.15 -1.28 12.69
N PHE A 306 25.77 -2.04 11.66
CA PHE A 306 24.56 -2.84 11.75
C PHE A 306 24.69 -3.97 12.75
N ASP A 307 25.89 -4.49 12.95
CA ASP A 307 26.09 -5.49 13.98
C ASP A 307 25.80 -4.86 15.36
N LEU A 308 26.34 -3.67 15.57
CA LEU A 308 26.08 -2.94 16.83
C LEU A 308 24.58 -2.61 17.01
N ILE A 309 23.96 -2.05 16.00
CA ILE A 309 22.52 -1.82 16.07
C ILE A 309 21.76 -3.10 16.39
N GLN A 310 22.10 -4.21 15.72
CA GLN A 310 21.39 -5.44 15.94
C GLN A 310 21.52 -5.85 17.41
N LYS A 311 22.68 -5.63 17.99
CA LYS A 311 22.88 -5.99 19.40
C LYS A 311 22.13 -5.11 20.35
N MET A 312 21.93 -3.85 19.98
CA MET A 312 21.19 -2.93 20.79
C MET A 312 19.68 -3.23 20.72
N LEU A 313 19.26 -3.79 19.59
CA LEU A 313 17.87 -4.15 19.35
C LEU A 313 17.59 -5.62 19.62
N GLU A 314 18.39 -6.21 20.51
CA GLU A 314 18.07 -7.49 21.13
C GLU A 314 16.77 -7.33 21.96
N TYR A 315 15.81 -8.22 21.75
CA TYR A 315 14.52 -8.11 22.40
C TYR A 315 14.63 -8.27 23.90
N ASP A 316 15.40 -9.24 24.34
CA ASP A 316 15.48 -9.57 25.75
C ASP A 316 16.45 -8.62 26.43
N PRO A 317 15.96 -7.80 27.36
CA PRO A 317 16.89 -6.80 27.93
C PRO A 317 18.05 -7.43 28.71
N ALA A 318 17.86 -8.65 29.22
CA ALA A 318 18.94 -9.31 29.96
C ALA A 318 20.06 -9.74 29.04
N LYS A 319 19.79 -9.85 27.75
CA LYS A 319 20.80 -10.21 26.78
C LYS A 319 21.30 -9.05 25.97
N ARG A 320 20.61 -7.92 26.04
CA ARG A 320 20.99 -6.76 25.23
C ARG A 320 22.38 -6.26 25.61
N ILE A 321 23.13 -5.84 24.60
CA ILE A 321 24.44 -5.29 24.84
C ILE A 321 24.35 -4.10 25.82
N THR A 322 25.31 -3.97 26.72
CA THR A 322 25.39 -2.80 27.64
C THR A 322 26.20 -1.75 26.93
N LEU A 323 26.13 -0.52 27.43
CA LEU A 323 26.88 0.59 26.83
C LEU A 323 28.38 0.50 27.09
N ARG A 324 28.73 -0.03 28.23
CA ARG A 324 30.15 -0.38 28.49
C ARG A 324 30.76 -1.30 27.41
N GLU A 325 30.01 -2.33 26.99
CA GLU A 325 30.44 -3.24 25.91
C GLU A 325 30.36 -2.54 24.57
N ALA A 326 29.28 -1.76 24.33
CA ALA A 326 29.12 -1.07 23.06
C ALA A 326 30.32 -0.16 22.77
N LEU A 327 30.84 0.52 23.80
CA LEU A 327 31.99 1.43 23.61
C LEU A 327 33.25 0.73 23.09
N LYS A 328 33.31 -0.60 23.26
CA LYS A 328 34.44 -1.39 22.76
C LYS A 328 34.17 -2.09 21.41
N HIS A 329 33.00 -1.89 20.84
CA HIS A 329 32.63 -2.51 19.60
C HIS A 329 33.54 -2.03 18.47
N PRO A 330 33.88 -2.92 17.52
CA PRO A 330 34.69 -2.57 16.34
C PRO A 330 34.27 -1.40 15.51
N PHE A 331 32.97 -1.09 15.47
CA PHE A 331 32.51 0.09 14.79
C PHE A 331 33.27 1.34 15.27
N PHE A 332 33.69 1.34 16.53
CA PHE A 332 34.41 2.50 17.06
C PHE A 332 35.93 2.49 16.90
N ASP A 333 36.47 1.43 16.32
CA ASP A 333 37.92 1.32 16.22
C ASP A 333 38.53 2.48 15.44
N LEU A 334 37.88 2.94 14.38
CA LEU A 334 38.42 4.05 13.64
C LEU A 334 38.61 5.31 14.49
N LEU A 335 37.90 5.44 15.62
CA LEU A 335 38.06 6.59 16.45
C LEU A 335 39.30 6.53 17.31
N LYS A 336 39.96 5.38 17.38
CA LYS A 336 40.98 5.16 18.38
C LYS A 336 42.36 5.17 17.75
N LYS A 337 43.34 5.70 18.51
CA LYS A 337 44.66 6.18 18.00
C LYS A 337 45.27 5.36 16.87
N SER B 1 -3.45 21.26 -15.79
CA SER B 1 -4.16 20.30 -14.88
C SER B 1 -3.26 19.56 -13.89
N MET B 2 -2.60 18.47 -14.31
CA MET B 2 -1.65 17.81 -13.42
C MET B 2 -0.59 18.79 -12.85
N HIS B 3 -0.11 19.63 -13.72
CA HIS B 3 0.77 20.75 -13.45
C HIS B 3 0.40 21.50 -12.14
N LEU B 4 -0.88 21.67 -11.94
CA LEU B 4 -1.38 22.38 -10.78
C LEU B 4 -1.24 21.65 -9.46
N ILE B 5 -1.01 20.35 -9.51
CA ILE B 5 -1.00 19.54 -8.29
C ILE B 5 0.31 18.77 -8.08
N CYS B 6 1.26 18.90 -8.96
CA CYS B 6 2.46 18.03 -8.88
C CYS B 6 3.70 18.86 -8.60
N GLN B 7 3.56 20.09 -8.07
CA GLN B 7 4.70 20.97 -7.83
C GLN B 7 5.51 20.64 -6.54
N SER B 8 6.79 20.91 -6.61
CA SER B 8 7.65 20.84 -5.45
C SER B 8 7.06 21.61 -4.25
N GLY B 9 6.95 20.95 -3.10
CA GLY B 9 6.36 21.53 -1.92
C GLY B 9 4.88 21.23 -1.72
N ASP B 10 4.17 20.79 -2.76
CA ASP B 10 2.75 20.44 -2.62
C ASP B 10 2.67 19.20 -1.69
N VAL B 11 1.59 19.13 -0.94
CA VAL B 11 1.34 18.00 -0.09
C VAL B 11 0.17 17.15 -0.60
N LEU B 12 0.40 15.86 -0.82
CA LEU B 12 -0.62 14.90 -1.30
C LEU B 12 -1.18 14.07 -0.17
N SER B 13 -2.51 14.00 -0.11
CA SER B 13 -3.22 13.16 0.85
C SER B 13 -2.89 13.52 2.29
N ALA B 14 -2.62 14.77 2.54
CA ALA B 14 -2.20 15.31 3.87
C ALA B 14 -0.98 14.59 4.47
N ARG B 15 -0.08 14.13 3.62
CA ARG B 15 0.96 13.22 4.07
C ARG B 15 2.29 13.30 3.27
N TYR B 16 2.22 13.36 1.95
CA TYR B 16 3.36 13.20 1.08
C TYR B 16 3.78 14.54 0.54
N GLU B 17 4.91 15.07 0.98
CA GLU B 17 5.40 16.36 0.49
C GLU B 17 6.27 16.13 -0.74
N ILE B 18 5.90 16.73 -1.86
CA ILE B 18 6.64 16.56 -3.10
C ILE B 18 8.01 17.25 -2.98
N VAL B 19 9.06 16.49 -3.29
CA VAL B 19 10.44 17.01 -3.34
C VAL B 19 10.76 17.46 -4.78
N ASP B 20 10.60 16.56 -5.73
CA ASP B 20 10.85 16.84 -7.14
C ASP B 20 10.29 15.74 -8.03
N THR B 21 10.34 15.98 -9.32
CA THR B 21 9.89 15.04 -10.33
C THR B 21 10.99 14.08 -10.67
N LEU B 22 10.70 12.78 -10.65
CA LEU B 22 11.69 11.74 -11.02
C LEU B 22 11.65 11.41 -12.49
N GLY B 23 10.46 11.37 -13.06
CA GLY B 23 10.30 11.15 -14.47
C GLY B 23 8.85 11.31 -14.91
N GLU B 24 8.66 11.19 -16.21
CA GLU B 24 7.41 11.50 -16.86
C GLU B 24 7.19 10.49 -17.95
N GLY B 25 5.94 10.18 -18.21
CA GLY B 25 5.59 9.29 -19.30
C GLY B 25 4.24 9.66 -19.83
N ALA B 26 3.74 8.88 -20.78
CA ALA B 26 2.43 9.21 -21.39
C ALA B 26 1.35 9.15 -20.26
N PHE B 27 1.58 8.29 -19.27
CA PHE B 27 0.58 8.05 -18.23
C PHE B 27 0.45 9.19 -17.21
N GLY B 28 1.45 10.08 -17.12
CA GLY B 28 1.54 11.05 -16.07
C GLY B 28 2.99 11.23 -15.61
N LYS B 29 3.20 11.30 -14.29
CA LYS B 29 4.56 11.46 -13.78
C LYS B 29 4.82 10.75 -12.47
N VAL B 30 6.08 10.62 -12.13
CA VAL B 30 6.50 10.05 -10.86
C VAL B 30 7.32 11.06 -10.13
N VAL B 31 6.89 11.38 -8.91
CA VAL B 31 7.57 12.35 -8.08
C VAL B 31 8.16 11.67 -6.84
N GLU B 32 9.25 12.21 -6.34
CA GLU B 32 9.78 11.82 -5.06
C GLU B 32 9.06 12.63 -3.99
N CYS B 33 8.62 11.97 -2.93
CA CYS B 33 7.97 12.62 -1.78
C CYS B 33 8.58 12.20 -0.45
N ILE B 34 8.53 13.12 0.52
CA ILE B 34 8.76 12.83 1.91
C ILE B 34 7.42 12.37 2.49
N ASP B 35 7.40 11.19 3.08
CA ASP B 35 6.19 10.67 3.73
C ASP B 35 6.19 11.05 5.21
N HIS B 36 5.47 12.11 5.54
CA HIS B 36 5.44 12.67 6.87
C HIS B 36 4.73 11.80 7.86
N LYS B 37 4.04 10.78 7.41
CA LYS B 37 3.43 9.85 8.34
C LYS B 37 4.26 8.61 8.55
N ALA B 38 5.27 8.37 7.73
CA ALA B 38 6.19 7.26 7.95
C ALA B 38 7.59 7.79 8.29
N GLY B 39 7.62 8.73 9.20
CA GLY B 39 8.83 9.22 9.77
C GLY B 39 9.74 10.07 8.90
N GLY B 40 9.23 10.55 7.76
CA GLY B 40 10.04 11.28 6.82
C GLY B 40 10.68 10.45 5.74
N ARG B 41 10.36 9.17 5.69
CA ARG B 41 10.92 8.30 4.67
C ARG B 41 10.59 8.84 3.27
N HIS B 42 11.54 8.81 2.35
CA HIS B 42 11.25 9.16 0.98
C HIS B 42 10.67 8.00 0.16
N VAL B 43 9.62 8.31 -0.60
CA VAL B 43 8.95 7.36 -1.45
C VAL B 43 8.79 7.95 -2.84
N ALA B 44 8.37 7.12 -3.78
CA ALA B 44 8.02 7.56 -5.11
C ALA B 44 6.51 7.53 -5.24
N VAL B 45 5.93 8.57 -5.83
CA VAL B 45 4.48 8.61 -6.00
C VAL B 45 4.20 8.84 -7.44
N LYS B 46 3.51 7.85 -8.08
CA LYS B 46 3.12 7.98 -9.44
C LYS B 46 1.73 8.67 -9.52
N ILE B 47 1.65 9.81 -10.20
CA ILE B 47 0.44 10.57 -10.34
C ILE B 47 -0.05 10.35 -11.76
N VAL B 48 -1.22 9.76 -11.89
CA VAL B 48 -1.74 9.31 -13.16
C VAL B 48 -2.65 10.35 -13.74
N LYS B 49 -2.48 10.61 -15.00
CA LYS B 49 -3.43 11.48 -15.69
C LYS B 49 -4.88 11.06 -15.45
N ASN B 50 -5.74 12.06 -15.40
CA ASN B 50 -7.14 11.80 -15.22
C ASN B 50 -7.82 11.60 -16.60
N VAL B 51 -7.46 10.50 -17.26
CA VAL B 51 -7.88 10.17 -18.61
C VAL B 51 -8.17 8.69 -18.55
N ASP B 52 -9.29 8.27 -19.12
CA ASP B 52 -9.84 6.91 -18.94
C ASP B 52 -8.83 5.84 -19.14
N ARG B 53 -8.12 5.92 -20.26
CA ARG B 53 -7.13 4.96 -20.63
C ARG B 53 -6.13 4.72 -19.49
N TYR B 54 -5.62 5.80 -18.90
CA TYR B 54 -4.56 5.67 -17.90
C TYR B 54 -5.12 5.34 -16.54
N CYS B 55 -6.30 5.83 -16.22
CA CYS B 55 -7.01 5.40 -14.99
C CYS B 55 -7.32 3.89 -14.95
N GLU B 56 -7.79 3.37 -16.07
CA GLU B 56 -7.94 1.89 -16.23
C GLU B 56 -6.66 1.10 -16.08
N ALA B 57 -5.58 1.57 -16.71
CA ALA B 57 -4.27 0.93 -16.55
C ALA B 57 -3.81 0.96 -15.12
N ALA B 58 -4.02 2.11 -14.45
CA ALA B 58 -3.55 2.25 -13.05
C ALA B 58 -4.32 1.29 -12.16
N ARG B 59 -5.62 1.16 -12.39
CA ARG B 59 -6.45 0.25 -11.60
C ARG B 59 -6.00 -1.20 -11.81
N SER B 60 -5.68 -1.52 -13.06
CA SER B 60 -5.21 -2.85 -13.38
C SER B 60 -3.84 -3.11 -12.70
N GLU B 61 -2.94 -2.13 -12.76
CA GLU B 61 -1.64 -2.24 -12.13
C GLU B 61 -1.77 -2.51 -10.66
N ILE B 62 -2.69 -1.79 -10.01
CA ILE B 62 -2.89 -2.00 -8.58
C ILE B 62 -3.24 -3.46 -8.32
N GLN B 63 -4.11 -4.02 -9.12
CA GLN B 63 -4.48 -5.43 -8.93
C GLN B 63 -3.29 -6.37 -9.15
N VAL B 64 -2.54 -6.14 -10.22
CA VAL B 64 -1.38 -6.97 -10.51
C VAL B 64 -0.37 -6.90 -9.37
N LEU B 65 -0.04 -5.71 -8.91
CA LEU B 65 0.89 -5.56 -7.82
C LEU B 65 0.45 -6.10 -6.48
N GLU B 66 -0.84 -6.04 -6.14
CA GLU B 66 -1.31 -6.67 -4.91
C GLU B 66 -1.03 -8.19 -5.00
N HIS B 67 -1.26 -8.74 -6.16
CA HIS B 67 -1.02 -10.16 -6.38
C HIS B 67 0.50 -10.47 -6.27
N LEU B 68 1.32 -9.77 -7.06
CA LEU B 68 2.79 -10.01 -7.05
C LEU B 68 3.46 -9.72 -5.72
N ASN B 69 3.11 -8.61 -5.09
CA ASN B 69 3.72 -8.27 -3.80
C ASN B 69 3.28 -9.20 -2.66
N THR B 70 2.09 -9.77 -2.75
CA THR B 70 1.67 -10.75 -1.79
C THR B 70 2.26 -12.12 -2.05
N THR B 71 2.42 -12.49 -3.30
CA THR B 71 3.07 -13.76 -3.63
C THR B 71 4.57 -13.73 -3.31
N ASP B 72 5.21 -12.57 -3.49
CA ASP B 72 6.63 -12.41 -3.25
C ASP B 72 6.87 -11.20 -2.33
N PRO B 73 6.53 -11.32 -1.05
CA PRO B 73 6.67 -10.18 -0.14
C PRO B 73 8.08 -9.64 0.04
N ASN B 74 9.10 -10.48 -0.16
CA ASN B 74 10.48 -10.03 0.03
C ASN B 74 11.06 -9.49 -1.26
N SER B 75 10.28 -9.44 -2.33
CA SER B 75 10.79 -9.01 -3.60
C SER B 75 11.98 -9.82 -4.06
N THR B 76 11.93 -11.13 -3.81
CA THR B 76 12.94 -12.04 -4.32
C THR B 76 13.07 -11.90 -5.82
N PHE B 77 11.94 -11.71 -6.48
CA PHE B 77 11.89 -11.72 -7.91
C PHE B 77 11.85 -10.30 -8.49
N ARG B 78 12.12 -9.33 -7.63
CA ARG B 78 12.51 -7.97 -8.07
C ARG B 78 11.49 -7.15 -8.82
N CYS B 79 10.21 -7.38 -8.53
CA CYS B 79 9.16 -6.47 -8.96
C CYS B 79 9.13 -5.36 -7.91
N VAL B 80 8.88 -4.15 -8.35
CA VAL B 80 8.74 -3.03 -7.43
C VAL B 80 7.63 -3.23 -6.35
N GLN B 81 7.89 -2.76 -5.13
CA GLN B 81 6.95 -2.80 -4.03
C GLN B 81 6.00 -1.59 -4.04
N MET B 82 4.73 -1.84 -4.19
CA MET B 82 3.70 -0.79 -4.05
C MET B 82 3.31 -0.72 -2.59
N LEU B 83 3.28 0.49 -2.04
CA LEU B 83 3.00 0.66 -0.63
C LEU B 83 1.54 0.97 -0.37
N GLU B 84 0.94 1.80 -1.23
CA GLU B 84 -0.49 2.13 -1.12
C GLU B 84 -0.92 2.93 -2.34
N TRP B 85 -2.21 3.26 -2.41
CA TRP B 85 -2.71 4.16 -3.42
C TRP B 85 -3.79 5.10 -2.84
N PHE B 86 -4.03 6.22 -3.50
CA PHE B 86 -5.06 7.13 -3.06
C PHE B 86 -5.44 8.03 -4.24
N GLU B 87 -6.34 8.95 -3.99
CA GLU B 87 -6.84 9.88 -4.97
C GLU B 87 -6.57 11.30 -4.51
N HIS B 88 -6.14 12.13 -5.45
CA HIS B 88 -5.81 13.52 -5.12
C HIS B 88 -6.30 14.40 -6.25
N HIS B 89 -7.30 15.22 -5.95
CA HIS B 89 -7.92 16.12 -6.94
C HIS B 89 -8.34 15.38 -8.19
N GLY B 90 -9.03 14.25 -8.02
CA GLY B 90 -9.41 13.41 -9.14
C GLY B 90 -8.32 12.60 -9.85
N HIS B 91 -7.06 12.60 -9.37
CA HIS B 91 -5.98 11.75 -9.95
C HIS B 91 -5.68 10.55 -9.07
N ILE B 92 -5.56 9.35 -9.67
CA ILE B 92 -5.08 8.21 -8.93
C ILE B 92 -3.59 8.41 -8.71
N CYS B 93 -3.14 8.14 -7.49
CA CYS B 93 -1.73 8.22 -7.14
C CYS B 93 -1.34 6.90 -6.48
N ILE B 94 -0.25 6.31 -6.92
CA ILE B 94 0.26 5.05 -6.39
C ILE B 94 1.63 5.26 -5.79
N VAL B 95 1.79 4.85 -4.55
CA VAL B 95 3.01 5.04 -3.79
C VAL B 95 3.86 3.76 -3.90
N PHE B 96 5.14 3.95 -4.19
CA PHE B 96 6.08 2.89 -4.34
C PHE B 96 7.32 3.15 -3.47
N GLU B 97 8.03 2.11 -3.13
CA GLU B 97 9.38 2.23 -2.61
C GLU B 97 10.19 3.10 -3.55
N LEU B 98 11.06 3.91 -2.99
CA LEU B 98 11.87 4.78 -3.85
C LEU B 98 13.08 4.01 -4.37
N LEU B 99 13.27 4.00 -5.69
CA LEU B 99 14.44 3.36 -6.32
C LEU B 99 15.41 4.44 -6.81
N GLY B 100 16.35 4.05 -7.65
CA GLY B 100 17.24 5.00 -8.34
C GLY B 100 16.80 5.29 -9.76
N LEU B 101 17.75 5.73 -10.55
CA LEU B 101 17.58 6.00 -11.96
C LEU B 101 17.17 4.75 -12.76
N SER B 102 16.34 4.94 -13.75
CA SER B 102 16.13 3.89 -14.76
C SER B 102 17.42 3.65 -15.51
N THR B 103 17.49 2.45 -16.08
CA THR B 103 18.65 2.04 -16.85
C THR B 103 18.74 2.96 -18.02
N TYR B 104 17.60 3.39 -18.58
CA TYR B 104 17.62 4.31 -19.70
C TYR B 104 18.28 5.62 -19.24
N ASP B 105 17.79 6.20 -18.14
CA ASP B 105 18.30 7.50 -17.68
C ASP B 105 19.75 7.44 -17.27
N PHE B 106 20.17 6.28 -16.74
CA PHE B 106 21.60 6.13 -16.44
C PHE B 106 22.44 6.22 -17.67
N ILE B 107 22.03 5.47 -18.69
CA ILE B 107 22.78 5.51 -19.97
C ILE B 107 22.84 6.94 -20.51
N LYS B 108 21.68 7.58 -20.48
CA LYS B 108 21.55 8.92 -21.04
C LYS B 108 22.45 9.91 -20.32
N GLU B 109 22.43 9.88 -18.99
CA GLU B 109 23.28 10.77 -18.22
C GLU B 109 24.78 10.39 -18.32
N ASN B 110 25.11 9.18 -18.76
CA ASN B 110 26.52 8.81 -19.00
C ASN B 110 26.90 9.02 -20.44
N GLY B 111 26.16 9.89 -21.13
CA GLY B 111 26.51 10.29 -22.49
C GLY B 111 26.27 9.19 -23.52
N PHE B 112 25.26 8.35 -23.28
CA PHE B 112 24.91 7.18 -24.12
C PHE B 112 26.02 6.15 -24.29
N LEU B 113 26.87 6.04 -23.29
CA LEU B 113 27.83 4.98 -23.25
C LEU B 113 27.11 3.69 -22.75
N PRO B 114 27.50 2.56 -23.30
CA PRO B 114 26.86 1.28 -22.93
C PRO B 114 27.32 0.82 -21.55
N PHE B 115 26.66 -0.15 -20.98
CA PHE B 115 27.11 -0.76 -19.73
C PHE B 115 28.25 -1.75 -20.01
N ARG B 116 29.08 -1.98 -19.01
CA ARG B 116 30.21 -2.94 -19.12
C ARG B 116 29.58 -4.35 -19.12
N LEU B 117 30.24 -5.31 -19.75
CA LEU B 117 29.64 -6.62 -19.93
C LEU B 117 29.33 -7.37 -18.63
N ASP B 118 30.14 -7.22 -17.60
CA ASP B 118 29.83 -7.90 -16.34
C ASP B 118 28.54 -7.38 -15.72
N HIS B 119 28.29 -6.07 -15.85
CA HIS B 119 27.06 -5.51 -15.42
C HIS B 119 25.85 -5.95 -16.24
N ILE B 120 26.02 -6.05 -17.55
CA ILE B 120 24.95 -6.49 -18.41
C ILE B 120 24.56 -7.89 -18.01
N ARG B 121 25.56 -8.73 -17.72
CA ARG B 121 25.28 -10.13 -17.30
C ARG B 121 24.45 -10.21 -16.03
N LYS B 122 24.82 -9.46 -15.00
CA LYS B 122 24.02 -9.40 -13.79
C LYS B 122 22.62 -8.84 -13.99
N MET B 123 22.53 -7.78 -14.80
CA MET B 123 21.23 -7.13 -15.00
C MET B 123 20.34 -8.04 -15.82
N ALA B 124 20.88 -8.64 -16.87
CA ALA B 124 20.14 -9.52 -17.69
C ALA B 124 19.59 -10.69 -16.88
N TYR B 125 20.43 -11.26 -16.03
CA TYR B 125 20.00 -12.37 -15.20
C TYR B 125 18.82 -11.98 -14.35
N GLN B 126 18.93 -10.81 -13.68
CA GLN B 126 17.84 -10.33 -12.85
C GLN B 126 16.58 -10.03 -13.63
N ILE B 127 16.71 -9.45 -14.82
CA ILE B 127 15.53 -9.14 -15.62
C ILE B 127 14.85 -10.46 -16.04
N CYS B 128 15.63 -11.44 -16.47
CA CYS B 128 15.10 -12.73 -16.87
C CYS B 128 14.41 -13.44 -15.72
N LYS B 129 15.00 -13.37 -14.54
CA LYS B 129 14.44 -14.01 -13.37
C LYS B 129 13.12 -13.36 -12.95
N SER B 130 13.10 -12.03 -12.96
CA SER B 130 11.95 -11.27 -12.57
C SER B 130 10.80 -11.51 -13.53
N VAL B 131 11.08 -11.44 -14.81
CA VAL B 131 10.00 -11.56 -15.83
C VAL B 131 9.55 -13.04 -15.90
N ASN B 132 10.49 -13.96 -15.68
CA ASN B 132 10.10 -15.37 -15.58
C ASN B 132 9.13 -15.66 -14.44
N PHE B 133 9.32 -14.98 -13.33
CA PHE B 133 8.39 -15.00 -12.23
C PHE B 133 6.99 -14.53 -12.70
N LEU B 134 6.92 -13.45 -13.48
CA LEU B 134 5.63 -13.07 -14.07
C LEU B 134 5.09 -14.19 -14.92
N HIS B 135 5.92 -14.73 -15.77
CA HIS B 135 5.50 -15.81 -16.65
C HIS B 135 5.05 -17.06 -15.91
N SER B 136 5.60 -17.33 -14.73
CA SER B 136 5.16 -18.46 -13.92
C SER B 136 3.83 -18.21 -13.23
N ASN B 137 3.40 -16.96 -13.22
CA ASN B 137 2.18 -16.63 -12.56
C ASN B 137 1.13 -16.16 -13.58
N LYS B 138 1.24 -16.64 -14.80
CA LYS B 138 0.25 -16.44 -15.86
C LYS B 138 0.12 -15.00 -16.31
N LEU B 139 1.24 -14.29 -16.29
CA LEU B 139 1.29 -12.92 -16.68
C LEU B 139 2.29 -12.71 -17.79
N THR B 140 2.01 -11.69 -18.60
CA THR B 140 2.90 -11.15 -19.57
C THR B 140 2.97 -9.61 -19.28
N HIS B 141 4.18 -9.06 -19.18
CA HIS B 141 4.38 -7.63 -18.91
C HIS B 141 3.91 -6.77 -20.06
N THR B 142 4.40 -7.07 -21.24
CA THR B 142 4.06 -6.48 -22.55
C THR B 142 4.81 -5.18 -22.81
N ASP B 143 5.38 -4.55 -21.79
CA ASP B 143 5.98 -3.18 -22.00
C ASP B 143 7.37 -3.02 -21.41
N LEU B 144 8.19 -4.05 -21.61
CA LEU B 144 9.52 -4.01 -21.09
C LEU B 144 10.36 -3.16 -21.98
N LYS B 145 11.14 -2.29 -21.34
CA LYS B 145 12.03 -1.37 -22.00
C LYS B 145 12.96 -0.79 -20.93
N PRO B 146 14.05 -0.15 -21.33
CA PRO B 146 15.02 0.27 -20.34
C PRO B 146 14.51 1.33 -19.36
N GLU B 147 13.53 2.11 -19.81
CA GLU B 147 12.85 3.05 -18.90
C GLU B 147 12.09 2.36 -17.76
N ASN B 148 11.69 1.08 -17.94
CA ASN B 148 10.91 0.32 -16.99
C ASN B 148 11.73 -0.65 -16.17
N ILE B 149 13.05 -0.55 -16.28
CA ILE B 149 13.98 -1.30 -15.47
C ILE B 149 14.79 -0.25 -14.70
N LEU B 150 14.67 -0.27 -13.38
CA LEU B 150 15.31 0.71 -12.51
C LEU B 150 16.33 0.11 -11.61
N PHE B 151 17.43 0.85 -11.40
CA PHE B 151 18.40 0.51 -10.43
C PHE B 151 17.82 0.72 -9.06
N VAL B 152 18.10 -0.24 -8.19
CA VAL B 152 17.77 -0.06 -6.80
C VAL B 152 18.57 1.12 -6.23
N GLN B 153 19.87 1.18 -6.52
CA GLN B 153 20.72 2.35 -6.20
C GLN B 153 21.54 2.68 -7.41
N SER B 154 21.45 3.92 -7.88
CA SER B 154 22.14 4.26 -9.12
C SER B 154 23.47 4.99 -8.85
N ASP B 155 23.92 4.99 -7.62
CA ASP B 155 25.22 5.59 -7.31
C ASP B 155 26.33 5.03 -8.22
N TYR B 156 27.29 5.88 -8.56
CA TYR B 156 28.39 5.49 -9.43
C TYR B 156 29.72 6.14 -8.99
N THR B 157 30.80 5.59 -9.49
CA THR B 157 32.12 6.23 -9.46
C THR B 157 32.44 6.75 -10.87
N GLU B 158 33.35 7.72 -10.97
CA GLU B 158 33.54 8.42 -12.23
C GLU B 158 35.00 8.60 -12.50
N ALA B 159 35.48 8.19 -13.68
CA ALA B 159 36.91 8.41 -14.05
C ALA B 159 37.08 8.71 -15.53
N TYR B 160 38.15 9.41 -15.84
CA TYR B 160 38.53 9.66 -17.23
C TYR B 160 38.93 8.34 -17.87
N ASN B 161 38.33 8.03 -19.01
CA ASN B 161 38.74 6.87 -19.76
C ASN B 161 39.59 7.29 -20.95
N PRO B 162 40.94 7.07 -20.90
CA PRO B 162 41.81 7.47 -22.02
C PRO B 162 41.40 6.89 -23.37
N LYS B 163 40.96 5.63 -23.39
CA LYS B 163 40.54 4.98 -24.64
C LYS B 163 39.46 5.79 -25.42
N ILE B 164 38.38 6.21 -24.77
CA ILE B 164 37.33 7.00 -25.44
C ILE B 164 37.45 8.52 -25.30
N LYS B 165 38.59 8.99 -24.76
CA LYS B 165 38.86 10.42 -24.53
C LYS B 165 37.73 11.21 -23.80
N ARG B 166 37.00 10.57 -22.90
CA ARG B 166 35.90 11.24 -22.16
C ARG B 166 35.70 10.62 -20.73
N ASP B 167 35.09 11.38 -19.80
CA ASP B 167 34.74 10.85 -18.44
C ASP B 167 33.60 9.84 -18.52
N GLU B 168 33.60 8.90 -17.58
CA GLU B 168 32.75 7.75 -17.65
C GLU B 168 32.32 7.38 -16.25
N ARG B 169 31.04 7.15 -16.10
CA ARG B 169 30.47 6.75 -14.86
C ARG B 169 30.40 5.22 -14.80
N THR B 170 30.73 4.66 -13.65
CA THR B 170 30.60 3.21 -13.42
C THR B 170 29.69 2.94 -12.24
N LEU B 171 28.62 2.24 -12.51
CA LEU B 171 27.71 1.84 -11.44
C LEU B 171 28.45 1.12 -10.36
N ILE B 172 28.05 1.37 -9.15
CA ILE B 172 28.55 0.65 -7.99
C ILE B 172 27.79 -0.64 -7.77
N ASN B 173 26.45 -0.60 -7.74
CA ASN B 173 25.64 -1.79 -7.57
C ASN B 173 24.59 -1.86 -8.70
N PRO B 174 24.66 -2.89 -9.57
CA PRO B 174 23.81 -2.95 -10.73
C PRO B 174 22.47 -3.64 -10.47
N ASP B 175 22.11 -3.92 -9.21
CA ASP B 175 20.81 -4.57 -8.92
C ASP B 175 19.64 -3.74 -9.49
N ILE B 176 18.63 -4.42 -10.04
CA ILE B 176 17.50 -3.76 -10.62
C ILE B 176 16.18 -4.26 -10.06
N LYS B 177 15.15 -3.53 -10.38
CA LYS B 177 13.76 -3.93 -10.25
C LYS B 177 13.00 -3.58 -11.51
N VAL B 178 11.90 -4.30 -11.72
CA VAL B 178 11.04 -4.05 -12.85
C VAL B 178 9.82 -3.26 -12.37
N VAL B 179 9.41 -2.29 -13.17
CA VAL B 179 8.24 -1.42 -12.87
C VAL B 179 7.27 -1.40 -14.04
N ASP B 180 6.12 -0.77 -13.78
CA ASP B 180 5.08 -0.51 -14.69
C ASP B 180 4.31 -1.75 -15.10
N PHE B 181 3.29 -2.02 -14.32
CA PHE B 181 2.45 -3.17 -14.54
C PHE B 181 1.05 -2.77 -15.01
N GLY B 182 0.96 -1.56 -15.57
CA GLY B 182 -0.36 -1.08 -16.14
C GLY B 182 -0.76 -1.74 -17.44
N SER B 183 0.14 -2.43 -18.12
CA SER B 183 -0.23 -3.18 -19.32
C SER B 183 -0.19 -4.71 -19.18
N ALA B 184 0.29 -5.18 -18.03
CA ALA B 184 0.50 -6.58 -17.74
C ALA B 184 -0.81 -7.33 -17.83
N THR B 185 -0.79 -8.43 -18.57
CA THR B 185 -2.03 -9.08 -18.95
C THR B 185 -1.99 -10.53 -18.50
N TYR B 186 -3.04 -10.97 -17.84
CA TYR B 186 -3.16 -12.37 -17.42
C TYR B 186 -3.56 -13.25 -18.57
N ASP B 187 -3.15 -14.51 -18.51
CA ASP B 187 -3.46 -15.47 -19.58
C ASP B 187 -4.96 -15.54 -19.89
N ASP B 188 -5.81 -15.42 -18.88
CA ASP B 188 -7.26 -15.60 -19.08
C ASP B 188 -8.00 -14.29 -19.35
N GLU B 189 -7.29 -13.20 -19.50
CA GLU B 189 -7.88 -11.92 -19.86
C GLU B 189 -7.76 -11.66 -21.34
N HIS B 190 -8.51 -10.72 -21.86
N HIS B 190 -8.41 -10.56 -21.75
CA HIS B 190 -8.37 -10.52 -23.27
CA HIS B 190 -8.40 -10.03 -23.13
C HIS B 190 -7.13 -9.65 -23.58
C HIS B 190 -7.03 -9.52 -23.56
N HIS B 191 -6.56 -9.95 -24.71
CA HIS B 191 -5.29 -9.45 -25.17
C HIS B 191 -5.54 -8.28 -26.17
N SER B 192 -5.10 -7.07 -25.82
CA SER B 192 -5.27 -5.98 -26.80
C SER B 192 -4.33 -6.22 -28.02
N THR B 193 -4.70 -5.66 -29.17
CA THR B 193 -3.98 -5.93 -30.40
C THR B 193 -2.63 -5.25 -30.42
N LEU B 194 -2.59 -3.99 -29.97
CA LEU B 194 -1.32 -3.32 -29.87
C LEU B 194 -0.76 -3.33 -28.45
N VAL B 195 0.49 -3.78 -28.30
CA VAL B 195 1.21 -3.72 -27.03
C VAL B 195 2.70 -3.37 -27.30
N SER B 196 3.41 -3.00 -26.21
CA SER B 196 4.83 -2.69 -26.22
C SER B 196 5.16 -1.34 -26.83
N THR B 197 6.22 -0.75 -26.35
CA THR B 197 6.77 0.49 -26.93
C THR B 197 7.49 0.05 -28.19
N ARG B 198 7.34 0.81 -29.26
CA ARG B 198 7.59 0.34 -30.61
C ARG B 198 8.89 -0.32 -30.75
N HIS B 199 9.96 0.30 -30.24
CA HIS B 199 11.26 -0.25 -30.46
C HIS B 199 11.41 -1.65 -29.88
N TYR B 200 10.52 -2.04 -28.94
CA TYR B 200 10.73 -3.27 -28.19
C TYR B 200 9.62 -4.27 -28.52
N ARG B 201 8.84 -3.93 -29.53
CA ARG B 201 7.71 -4.67 -29.93
C ARG B 201 8.07 -5.92 -30.83
N ALA B 202 7.59 -7.09 -30.40
CA ALA B 202 7.79 -8.32 -31.14
C ALA B 202 7.06 -8.34 -32.52
N PRO B 203 7.58 -9.10 -33.45
CA PRO B 203 6.98 -9.21 -34.77
C PRO B 203 5.56 -9.78 -34.77
N GLU B 204 5.25 -10.76 -33.89
CA GLU B 204 3.87 -11.26 -33.76
C GLU B 204 2.86 -10.18 -33.29
N VAL B 205 3.36 -9.20 -32.57
CA VAL B 205 2.55 -8.06 -32.19
C VAL B 205 2.35 -7.11 -33.38
N ILE B 206 3.43 -6.79 -34.10
CA ILE B 206 3.32 -5.89 -35.23
C ILE B 206 2.37 -6.48 -36.27
N LEU B 207 2.46 -7.80 -36.45
CA LEU B 207 1.66 -8.44 -37.49
C LEU B 207 0.30 -8.88 -36.99
N ALA B 208 0.03 -8.58 -35.72
CA ALA B 208 -1.27 -8.84 -35.09
C ALA B 208 -1.63 -10.31 -35.23
N LEU B 209 -0.69 -11.18 -34.90
CA LEU B 209 -0.90 -12.60 -34.95
C LEU B 209 -1.33 -13.23 -33.63
N GLY B 210 -1.48 -12.43 -32.59
CA GLY B 210 -1.70 -12.94 -31.25
C GLY B 210 -0.37 -12.97 -30.51
N TRP B 211 -0.42 -12.75 -29.21
CA TRP B 211 0.79 -12.72 -28.43
C TRP B 211 0.59 -13.32 -27.02
N SER B 212 1.71 -13.66 -26.36
CA SER B 212 1.67 -14.07 -25.01
C SER B 212 3.06 -13.91 -24.45
N GLN B 213 3.46 -14.75 -23.53
CA GLN B 213 4.74 -14.56 -22.87
C GLN B 213 5.92 -14.33 -23.79
N PRO B 214 5.98 -15.03 -24.94
CA PRO B 214 7.18 -14.81 -25.77
C PRO B 214 7.46 -13.36 -26.20
N CYS B 215 6.43 -12.54 -26.29
CA CYS B 215 6.65 -11.18 -26.70
C CYS B 215 7.55 -10.46 -25.70
N ASP B 216 7.53 -10.88 -24.42
CA ASP B 216 8.40 -10.31 -23.41
C ASP B 216 9.84 -10.65 -23.69
N VAL B 217 10.07 -11.88 -24.17
CA VAL B 217 11.42 -12.33 -24.46
C VAL B 217 12.06 -11.54 -25.58
N TRP B 218 11.27 -11.25 -26.61
CA TRP B 218 11.69 -10.39 -27.65
C TRP B 218 12.13 -9.05 -27.09
N SER B 219 11.32 -8.47 -26.25
CA SER B 219 11.62 -7.15 -25.73
C SER B 219 12.95 -7.16 -24.93
N ILE B 220 13.13 -8.19 -24.14
CA ILE B 220 14.37 -8.35 -23.42
C ILE B 220 15.56 -8.43 -24.34
N GLY B 221 15.46 -9.18 -25.43
CA GLY B 221 16.54 -9.20 -26.38
C GLY B 221 16.92 -7.81 -26.86
N CYS B 222 15.90 -7.03 -27.17
CA CYS B 222 16.13 -5.65 -27.59
C CYS B 222 16.82 -4.83 -26.51
N ILE B 223 16.39 -5.02 -25.26
CA ILE B 223 16.96 -4.27 -24.16
C ILE B 223 18.46 -4.59 -24.01
N LEU B 224 18.77 -5.84 -24.06
CA LEU B 224 20.15 -6.24 -23.91
C LEU B 224 21.09 -5.65 -24.97
N ILE B 225 20.67 -5.62 -26.22
CA ILE B 225 21.44 -4.99 -27.30
C ILE B 225 21.66 -3.51 -27.04
N GLU B 226 20.61 -2.84 -26.59
CA GLU B 226 20.72 -1.43 -26.22
C GLU B 226 21.67 -1.19 -25.01
N TYR B 227 21.66 -2.09 -24.02
CA TYR B 227 22.65 -1.99 -22.93
C TYR B 227 24.06 -2.17 -23.44
N TYR B 228 24.22 -3.10 -24.40
CA TYR B 228 25.55 -3.40 -25.01
C TYR B 228 26.10 -2.28 -25.90
N LEU B 229 25.22 -1.64 -26.67
CA LEU B 229 25.62 -0.59 -27.62
C LEU B 229 25.46 0.84 -27.14
N GLY B 230 24.49 1.08 -26.24
CA GLY B 230 24.14 2.41 -25.79
C GLY B 230 23.04 3.07 -26.63
N PHE B 231 22.55 2.37 -27.65
CA PHE B 231 21.55 2.87 -28.57
C PHE B 231 20.71 1.72 -29.11
N THR B 232 19.52 2.04 -29.62
CA THR B 232 18.67 1.00 -30.20
C THR B 232 19.11 0.67 -31.62
N VAL B 233 18.95 -0.59 -31.98
CA VAL B 233 19.16 -0.96 -33.37
C VAL B 233 17.89 -0.78 -34.22
N PHE B 234 16.73 -0.49 -33.59
CA PHE B 234 15.48 -0.20 -34.33
C PHE B 234 15.05 1.25 -34.19
N PRO B 235 15.82 2.20 -34.72
CA PRO B 235 15.51 3.59 -34.43
C PRO B 235 14.50 4.12 -35.49
N THR B 236 13.27 3.73 -35.31
CA THR B 236 12.22 4.09 -36.19
C THR B 236 10.91 4.27 -35.46
N HIS B 237 10.02 5.00 -36.09
CA HIS B 237 8.72 5.27 -35.53
C HIS B 237 7.62 4.89 -36.57
N ASP B 238 7.94 3.96 -37.48
CA ASP B 238 7.01 3.48 -38.49
C ASP B 238 7.07 1.97 -38.56
N SER B 239 5.92 1.29 -38.61
CA SER B 239 5.90 -0.18 -38.52
C SER B 239 6.56 -0.86 -39.71
N LYS B 240 6.31 -0.38 -40.93
CA LYS B 240 6.91 -1.04 -42.10
C LYS B 240 8.42 -0.93 -42.06
N GLU B 241 8.91 0.25 -41.71
CA GLU B 241 10.33 0.49 -41.64
C GLU B 241 10.95 -0.37 -40.57
N HIS B 242 10.23 -0.55 -39.47
CA HIS B 242 10.67 -1.40 -38.38
C HIS B 242 10.85 -2.84 -38.88
N LEU B 243 9.89 -3.33 -39.63
CA LEU B 243 9.98 -4.65 -40.24
C LEU B 243 11.13 -4.72 -41.26
N ALA B 244 11.38 -3.63 -41.97
CA ALA B 244 12.54 -3.58 -42.88
C ALA B 244 13.86 -3.64 -42.08
N MET B 245 13.91 -2.97 -40.93
CA MET B 245 15.10 -3.00 -40.09
C MET B 245 15.33 -4.42 -39.55
N MET B 246 14.25 -5.08 -39.10
CA MET B 246 14.32 -6.47 -38.69
C MET B 246 14.94 -7.33 -39.76
N GLU B 247 14.50 -7.18 -40.99
CA GLU B 247 14.97 -8.04 -42.08
C GLU B 247 16.44 -7.81 -42.33
N ARG B 248 16.90 -6.59 -42.22
CA ARG B 248 18.30 -6.29 -42.39
C ARG B 248 19.16 -6.86 -41.25
N ILE B 249 18.66 -6.87 -40.05
CA ILE B 249 19.44 -7.34 -38.91
C ILE B 249 19.34 -8.87 -38.68
N LEU B 250 18.17 -9.43 -38.96
CA LEU B 250 17.85 -10.81 -38.61
C LEU B 250 17.50 -11.69 -39.82
N GLY B 251 17.40 -11.12 -41.01
CA GLY B 251 16.96 -11.89 -42.15
C GLY B 251 15.46 -11.81 -42.38
N PRO B 252 15.01 -12.45 -43.46
CA PRO B 252 13.61 -12.37 -43.86
C PRO B 252 12.70 -13.03 -42.85
N LEU B 253 11.50 -12.46 -42.75
CA LEU B 253 10.48 -13.00 -41.87
C LEU B 253 10.04 -14.36 -42.33
N PRO B 254 9.58 -15.21 -41.42
CA PRO B 254 9.07 -16.49 -41.86
C PRO B 254 7.84 -16.33 -42.72
N LYS B 255 7.83 -17.10 -43.79
CA LYS B 255 6.73 -17.09 -44.75
C LYS B 255 5.38 -17.35 -44.10
N HIS B 256 5.31 -18.25 -43.13
CA HIS B 256 4.02 -18.65 -42.58
C HIS B 256 3.43 -17.49 -41.75
N MET B 257 4.28 -16.68 -41.13
CA MET B 257 3.79 -15.51 -40.41
C MET B 257 3.31 -14.45 -41.40
N ILE B 258 4.06 -14.25 -42.49
CA ILE B 258 3.62 -13.32 -43.55
C ILE B 258 2.28 -13.73 -44.17
N GLN B 259 2.08 -15.02 -44.33
CA GLN B 259 0.84 -15.50 -44.88
C GLN B 259 -0.36 -15.42 -43.97
N LYS B 260 -0.14 -15.52 -42.66
CA LYS B 260 -1.26 -15.46 -41.73
C LYS B 260 -1.69 -14.05 -41.37
N THR B 261 -0.78 -13.07 -41.37
CA THR B 261 -1.12 -11.75 -40.86
C THR B 261 -2.25 -11.11 -41.66
N ARG B 262 -3.00 -10.27 -40.98
CA ARG B 262 -4.06 -9.50 -41.59
C ARG B 262 -3.57 -8.14 -42.05
N LYS B 263 -2.36 -7.79 -41.65
CA LYS B 263 -1.74 -6.53 -42.03
C LYS B 263 -1.17 -6.60 -43.43
N ARG B 264 -2.06 -6.71 -44.42
CA ARG B 264 -1.65 -6.91 -45.81
C ARG B 264 -0.91 -5.67 -46.33
N LYS B 265 -1.24 -4.50 -45.76
CA LYS B 265 -0.53 -3.22 -45.94
C LYS B 265 0.98 -3.33 -46.14
N TYR B 266 1.59 -4.20 -45.38
CA TYR B 266 3.01 -4.23 -45.31
C TYR B 266 3.63 -5.03 -46.46
N PHE B 267 2.81 -5.78 -47.19
CA PHE B 267 3.33 -6.86 -48.01
C PHE B 267 2.87 -6.84 -49.45
N HIS B 268 3.68 -7.43 -50.31
CA HIS B 268 3.30 -7.58 -51.69
C HIS B 268 3.84 -8.90 -52.13
N HIS B 269 2.95 -9.80 -52.57
CA HIS B 269 3.34 -11.14 -52.97
C HIS B 269 4.18 -11.83 -51.89
N ASP B 270 3.69 -11.73 -50.66
CA ASP B 270 4.33 -12.35 -49.50
C ASP B 270 5.78 -11.94 -49.23
N ARG B 271 6.12 -10.72 -49.62
CA ARG B 271 7.42 -10.14 -49.29
C ARG B 271 7.14 -8.72 -48.83
N LEU B 272 7.99 -8.24 -47.93
CA LEU B 272 7.82 -6.92 -47.38
C LEU B 272 7.80 -5.92 -48.51
N ASP B 273 6.81 -5.03 -48.52
CA ASP B 273 6.64 -4.05 -49.60
C ASP B 273 7.50 -2.82 -49.32
N TRP B 274 8.79 -2.96 -49.59
CA TRP B 274 9.77 -2.03 -49.09
C TRP B 274 10.77 -1.74 -50.16
N ASP B 275 10.80 -0.49 -50.58
CA ASP B 275 11.74 -0.10 -51.59
C ASP B 275 13.08 0.24 -50.94
N GLU B 276 14.04 -0.66 -51.07
CA GLU B 276 15.39 -0.45 -50.57
C GLU B 276 16.13 0.75 -51.16
N HIS B 277 15.74 1.16 -52.36
CA HIS B 277 16.41 2.27 -53.06
C HIS B 277 15.68 3.60 -52.86
N SER B 278 14.57 3.61 -52.14
CA SER B 278 13.95 4.86 -51.71
C SER B 278 14.84 5.48 -50.66
N SER B 279 14.54 6.73 -50.31
CA SER B 279 15.36 7.46 -49.34
C SER B 279 15.35 6.80 -47.96
N ALA B 280 14.15 6.45 -47.48
CA ALA B 280 14.00 5.67 -46.27
C ALA B 280 14.77 4.34 -46.37
N GLY B 281 14.73 3.74 -47.56
CA GLY B 281 15.42 2.49 -47.82
C GLY B 281 16.92 2.59 -47.63
N ARG B 282 17.50 3.67 -48.14
CA ARG B 282 18.94 3.86 -48.06
C ARG B 282 19.38 4.18 -46.62
N TYR B 283 18.54 4.89 -45.87
CA TYR B 283 18.74 5.08 -44.42
C TYR B 283 18.75 3.75 -43.63
N VAL B 284 17.82 2.85 -43.95
CA VAL B 284 17.79 1.54 -43.27
C VAL B 284 19.06 0.73 -43.54
N SER B 285 19.50 0.71 -44.80
CA SER B 285 20.72 -0.02 -45.17
C SER B 285 21.96 0.48 -44.43
N ARG B 286 22.04 1.78 -44.23
CA ARG B 286 23.16 2.34 -43.50
C ARG B 286 23.04 2.21 -42.00
N ALA B 287 21.84 2.26 -41.45
CA ALA B 287 21.67 2.22 -39.99
C ALA B 287 21.67 0.78 -39.46
N CYS B 288 21.35 -0.17 -40.32
CA CYS B 288 21.15 -1.54 -39.88
C CYS B 288 22.04 -2.52 -40.60
N LYS B 289 22.37 -3.61 -39.92
CA LYS B 289 23.25 -4.63 -40.51
C LYS B 289 23.05 -5.90 -39.70
N PRO B 290 23.56 -7.04 -40.21
CA PRO B 290 23.31 -8.28 -39.52
C PRO B 290 23.75 -8.21 -38.07
N LEU B 291 22.93 -8.79 -37.21
CA LEU B 291 23.08 -8.72 -35.76
C LEU B 291 24.53 -8.85 -35.26
N LYS B 292 25.23 -9.87 -35.74
CA LYS B 292 26.54 -10.17 -35.17
C LYS B 292 27.55 -9.13 -35.53
N GLU B 293 27.31 -8.36 -36.59
CA GLU B 293 28.24 -7.30 -36.97
C GLU B 293 28.23 -6.16 -35.98
N PHE B 294 27.27 -6.13 -35.08
CA PHE B 294 27.25 -5.15 -33.94
C PHE B 294 28.18 -5.47 -32.78
N MET B 295 28.73 -6.69 -32.76
CA MET B 295 29.62 -7.11 -31.67
C MET B 295 30.84 -6.23 -31.63
N LEU B 296 31.27 -5.84 -30.43
CA LEU B 296 32.40 -4.94 -30.30
C LEU B 296 33.69 -5.68 -30.06
N SER B 297 33.59 -6.98 -29.82
CA SER B 297 34.72 -7.83 -29.57
C SER B 297 34.31 -9.23 -30.02
N GLN B 298 35.29 -10.02 -30.38
CA GLN B 298 35.07 -11.41 -30.69
C GLN B 298 35.28 -12.31 -29.46
N ASP B 299 35.66 -11.74 -28.31
CA ASP B 299 35.86 -12.53 -27.10
CA ASP B 299 35.89 -12.56 -27.13
C ASP B 299 34.67 -13.45 -26.89
N VAL B 300 34.93 -14.63 -26.33
CA VAL B 300 33.89 -15.62 -26.12
C VAL B 300 32.71 -15.16 -25.27
N GLU B 301 32.95 -14.27 -24.31
CA GLU B 301 31.86 -13.80 -23.50
C GLU B 301 30.89 -12.94 -24.33
N HIS B 302 31.44 -12.17 -25.25
CA HIS B 302 30.59 -11.39 -26.16
C HIS B 302 29.83 -12.35 -27.05
N GLU B 303 30.49 -13.40 -27.55
CA GLU B 303 29.82 -14.40 -28.39
C GLU B 303 28.69 -15.10 -27.60
N ARG B 304 28.90 -15.37 -26.33
CA ARG B 304 27.82 -15.94 -25.50
C ARG B 304 26.64 -15.02 -25.37
N LEU B 305 26.89 -13.76 -25.08
CA LEU B 305 25.78 -12.80 -25.02
C LEU B 305 25.01 -12.77 -26.34
N PHE B 306 25.72 -12.67 -27.46
CA PHE B 306 25.05 -12.57 -28.75
C PHE B 306 24.28 -13.79 -29.13
N ASP B 307 24.71 -14.95 -28.65
CA ASP B 307 23.98 -16.19 -28.93
C ASP B 307 22.64 -16.16 -28.21
N LEU B 308 22.66 -15.68 -26.97
CA LEU B 308 21.47 -15.49 -26.20
C LEU B 308 20.53 -14.44 -26.81
N ILE B 309 21.07 -13.29 -27.17
CA ILE B 309 20.25 -12.28 -27.87
C ILE B 309 19.66 -12.81 -29.17
N GLN B 310 20.44 -13.52 -29.96
CA GLN B 310 19.91 -14.10 -31.19
C GLN B 310 18.74 -15.05 -30.94
N LYS B 311 18.83 -15.85 -29.88
CA LYS B 311 17.69 -16.74 -29.53
C LYS B 311 16.46 -16.03 -29.01
N MET B 312 16.66 -14.93 -28.32
CA MET B 312 15.56 -14.07 -27.91
C MET B 312 14.88 -13.33 -29.06
N LEU B 313 15.63 -13.05 -30.13
CA LEU B 313 15.14 -12.42 -31.33
C LEU B 313 14.82 -13.41 -32.49
N GLU B 314 14.47 -14.62 -32.12
CA GLU B 314 13.77 -15.54 -33.00
C GLU B 314 12.41 -14.97 -33.42
N TYR B 315 12.13 -14.97 -34.72
CA TYR B 315 10.90 -14.38 -35.25
C TYR B 315 9.66 -15.14 -34.81
N ASP B 316 9.71 -16.45 -34.84
CA ASP B 316 8.53 -17.26 -34.54
C ASP B 316 8.41 -17.43 -33.04
N PRO B 317 7.38 -16.85 -32.41
CA PRO B 317 7.28 -16.93 -30.95
C PRO B 317 7.18 -18.35 -30.41
N ALA B 318 6.68 -19.28 -31.21
CA ALA B 318 6.62 -20.68 -30.77
C ALA B 318 8.02 -21.34 -30.68
N LYS B 319 9.00 -20.80 -31.39
CA LYS B 319 10.36 -21.28 -31.36
C LYS B 319 11.29 -20.44 -30.52
N ARG B 320 10.86 -19.25 -30.13
CA ARG B 320 11.71 -18.38 -29.35
C ARG B 320 12.06 -19.02 -27.98
N ILE B 321 13.28 -18.76 -27.52
CA ILE B 321 13.72 -19.26 -26.23
C ILE B 321 12.78 -18.73 -25.12
N THR B 322 12.49 -19.55 -24.15
CA THR B 322 11.71 -19.15 -22.97
C THR B 322 12.69 -18.64 -21.93
N LEU B 323 12.19 -17.89 -20.95
CA LEU B 323 13.07 -17.31 -19.93
C LEU B 323 13.59 -18.37 -18.99
N ARG B 324 12.78 -19.38 -18.75
CA ARG B 324 13.28 -20.56 -18.05
C ARG B 324 14.57 -21.15 -18.69
N GLU B 325 14.58 -21.26 -20.01
CA GLU B 325 15.75 -21.78 -20.73
C GLU B 325 16.86 -20.72 -20.77
N ALA B 326 16.50 -19.45 -20.93
CA ALA B 326 17.51 -18.39 -20.94
C ALA B 326 18.34 -18.36 -19.64
N LEU B 327 17.70 -18.59 -18.51
CA LEU B 327 18.38 -18.55 -17.22
C LEU B 327 19.50 -19.62 -17.11
N LYS B 328 19.43 -20.65 -17.94
CA LYS B 328 20.45 -21.69 -18.01
C LYS B 328 21.49 -21.50 -19.13
N HIS B 329 21.41 -20.40 -19.87
CA HIS B 329 22.33 -20.14 -20.99
C HIS B 329 23.75 -19.92 -20.48
N PRO B 330 24.77 -20.42 -21.20
CA PRO B 330 26.18 -20.22 -20.82
C PRO B 330 26.63 -18.81 -20.47
N PHE B 331 26.00 -17.80 -21.08
CA PHE B 331 26.31 -16.41 -20.73
C PHE B 331 26.23 -16.18 -19.20
N PHE B 332 25.36 -16.93 -18.52
CA PHE B 332 25.19 -16.78 -17.10
C PHE B 332 26.07 -17.67 -16.22
N ASP B 333 26.89 -18.53 -16.82
CA ASP B 333 27.74 -19.41 -16.05
C ASP B 333 28.68 -18.65 -15.12
N LEU B 334 29.25 -17.53 -15.56
CA LEU B 334 30.12 -16.75 -14.65
C LEU B 334 29.42 -16.33 -13.36
N LEU B 335 28.10 -16.25 -13.36
CA LEU B 335 27.40 -15.86 -12.13
C LEU B 335 27.27 -16.96 -11.14
N LYS B 336 27.58 -18.18 -11.52
CA LYS B 336 27.27 -19.34 -10.71
C LYS B 336 28.57 -19.83 -10.06
N LYS B 337 28.53 -20.00 -8.73
CA LYS B 337 29.73 -20.29 -7.94
C LYS B 337 29.87 -21.78 -7.70
N SER B 338 30.97 -22.39 -8.17
CA SER B 338 31.29 -23.80 -7.86
C SER B 338 32.07 -23.91 -6.57
N SER C 1 -46.36 12.01 8.32
CA SER C 1 -45.65 13.24 7.89
C SER C 1 -45.20 13.03 6.43
N MET C 2 -44.41 11.98 6.17
CA MET C 2 -44.05 11.66 4.80
C MET C 2 -45.24 11.47 3.82
N HIS C 3 -46.25 10.77 4.33
CA HIS C 3 -47.55 10.66 3.71
C HIS C 3 -48.04 11.99 3.04
N LEU C 4 -47.85 13.09 3.75
CA LEU C 4 -48.36 14.38 3.33
C LEU C 4 -47.65 14.94 2.09
N ILE C 5 -46.49 14.40 1.76
CA ILE C 5 -45.66 14.96 0.70
C ILE C 5 -45.26 13.96 -0.40
N CYS C 6 -45.70 12.72 -0.28
CA CYS C 6 -45.23 11.69 -1.24
C CYS C 6 -46.34 11.22 -2.13
N GLN C 7 -47.42 12.00 -2.28
CA GLN C 7 -48.63 11.54 -2.99
C GLN C 7 -48.53 11.71 -4.50
N SER C 8 -49.22 10.81 -5.20
CA SER C 8 -49.35 10.88 -6.64
C SER C 8 -49.82 12.28 -7.07
N GLY C 9 -49.10 12.89 -8.02
CA GLY C 9 -49.41 14.26 -8.45
C GLY C 9 -48.66 15.38 -7.72
N ASP C 10 -48.09 15.10 -6.56
CA ASP C 10 -47.29 16.12 -5.85
C ASP C 10 -46.05 16.43 -6.69
N VAL C 11 -45.59 17.66 -6.61
CA VAL C 11 -44.38 18.08 -7.29
C VAL C 11 -43.25 18.37 -6.32
N LEU C 12 -42.11 17.71 -6.53
CA LEU C 12 -40.92 17.90 -5.70
C LEU C 12 -39.88 18.80 -6.40
N SER C 13 -39.36 19.75 -5.64
CA SER C 13 -38.25 20.58 -6.12
C SER C 13 -38.60 21.27 -7.44
N ALA C 14 -39.85 21.68 -7.56
CA ALA C 14 -40.39 22.38 -8.74
C ALA C 14 -40.11 21.68 -10.08
N ARG C 15 -40.10 20.36 -10.07
CA ARG C 15 -39.57 19.64 -11.19
C ARG C 15 -40.05 18.20 -11.36
N TYR C 16 -40.10 17.45 -10.25
CA TYR C 16 -40.38 16.01 -10.30
C TYR C 16 -41.80 15.77 -9.90
N GLU C 17 -42.62 15.30 -10.85
CA GLU C 17 -44.03 15.00 -10.53
C GLU C 17 -44.20 13.55 -10.16
N ILE C 18 -44.70 13.28 -8.96
CA ILE C 18 -44.87 11.93 -8.51
C ILE C 18 -45.93 11.19 -9.34
N VAL C 19 -45.58 10.01 -9.85
CA VAL C 19 -46.50 9.11 -10.57
C VAL C 19 -47.09 8.07 -9.60
N ASP C 20 -46.23 7.34 -8.89
CA ASP C 20 -46.66 6.31 -7.93
C ASP C 20 -45.52 5.83 -7.08
N THR C 21 -45.84 5.02 -6.09
CA THR C 21 -44.86 4.52 -5.14
C THR C 21 -44.27 3.23 -5.67
N LEU C 22 -42.96 3.13 -5.69
CA LEU C 22 -42.26 1.91 -6.15
C LEU C 22 -41.99 0.92 -5.05
N GLY C 23 -41.61 1.42 -3.89
CA GLY C 23 -41.38 0.59 -2.75
C GLY C 23 -41.19 1.40 -1.49
N GLU C 24 -41.10 0.68 -0.39
CA GLU C 24 -41.09 1.27 0.91
C GLU C 24 -40.15 0.47 1.77
N GLY C 25 -39.41 1.13 2.65
CA GLY C 25 -38.51 0.44 3.56
C GLY C 25 -38.52 1.17 4.89
N ALA C 26 -37.67 0.75 5.81
CA ALA C 26 -37.63 1.35 7.13
C ALA C 26 -37.14 2.82 6.97
N PHE C 27 -36.34 3.08 5.96
CA PHE C 27 -35.77 4.41 5.71
C PHE C 27 -36.76 5.43 5.14
N GLY C 28 -37.89 4.98 4.60
CA GLY C 28 -38.80 5.86 3.85
C GLY C 28 -39.32 5.17 2.61
N LYS C 29 -39.44 5.90 1.51
CA LYS C 29 -39.98 5.27 0.32
C LYS C 29 -39.33 5.72 -0.94
N VAL C 30 -39.57 4.98 -2.01
CA VAL C 30 -39.09 5.36 -3.30
C VAL C 30 -40.32 5.53 -4.20
N VAL C 31 -40.37 6.67 -4.89
CA VAL C 31 -41.44 6.95 -5.82
C VAL C 31 -40.91 7.13 -7.25
N GLU C 32 -41.76 6.84 -8.22
CA GLU C 32 -41.47 7.14 -9.61
C GLU C 32 -41.97 8.51 -9.92
N CYS C 33 -41.17 9.30 -10.59
CA CYS C 33 -41.54 10.67 -10.96
C CYS C 33 -41.26 10.96 -12.41
N ILE C 34 -42.03 11.89 -12.98
CA ILE C 34 -41.73 12.50 -14.24
C ILE C 34 -40.83 13.72 -13.97
N ASP C 35 -39.68 13.77 -14.61
CA ASP C 35 -38.80 14.91 -14.54
C ASP C 35 -39.14 15.89 -15.63
N HIS C 36 -39.87 16.93 -15.26
CA HIS C 36 -40.35 17.94 -16.23
C HIS C 36 -39.26 18.88 -16.72
N LYS C 37 -38.09 18.84 -16.11
CA LYS C 37 -36.96 19.59 -16.61
C LYS C 37 -35.94 18.74 -17.37
N ALA C 38 -36.18 17.45 -17.49
CA ALA C 38 -35.41 16.62 -18.42
C ALA C 38 -36.32 15.91 -19.43
N GLY C 39 -37.20 16.66 -20.06
CA GLY C 39 -37.99 16.17 -21.17
C GLY C 39 -39.05 15.16 -20.81
N GLY C 40 -39.44 15.07 -19.54
CA GLY C 40 -40.46 14.12 -19.14
C GLY C 40 -39.91 12.73 -18.81
N ARG C 41 -38.58 12.60 -18.77
CA ARG C 41 -37.91 11.35 -18.39
C ARG C 41 -38.41 10.89 -17.01
N HIS C 42 -38.72 9.60 -16.88
CA HIS C 42 -39.05 9.06 -15.59
C HIS C 42 -37.81 8.74 -14.77
N VAL C 43 -37.88 9.05 -13.50
CA VAL C 43 -36.80 8.80 -12.57
C VAL C 43 -37.38 8.20 -11.30
N ALA C 44 -36.53 7.72 -10.43
CA ALA C 44 -36.91 7.26 -9.11
C ALA C 44 -36.43 8.30 -8.11
N VAL C 45 -37.27 8.59 -7.11
CA VAL C 45 -36.86 9.55 -6.07
C VAL C 45 -37.06 8.86 -4.75
N LYS C 46 -35.96 8.70 -4.00
CA LYS C 46 -36.02 8.15 -2.67
C LYS C 46 -36.29 9.29 -1.65
N ILE C 47 -37.36 9.17 -0.89
CA ILE C 47 -37.74 10.17 0.09
C ILE C 47 -37.45 9.57 1.45
N VAL C 48 -36.58 10.21 2.21
CA VAL C 48 -36.05 9.64 3.41
C VAL C 48 -36.78 10.18 4.60
N LYS C 49 -37.12 9.30 5.51
CA LYS C 49 -37.75 9.79 6.77
C LYS C 49 -36.93 10.87 7.44
N ASN C 50 -37.64 11.80 8.05
CA ASN C 50 -37.03 12.86 8.75
C ASN C 50 -36.80 12.39 10.18
N VAL C 51 -35.91 11.42 10.31
CA VAL C 51 -35.58 10.78 11.57
C VAL C 51 -34.04 10.71 11.53
N ASP C 52 -33.38 11.07 12.64
CA ASP C 52 -31.94 11.28 12.64
C ASP C 52 -31.16 10.13 12.03
N ARG C 53 -31.49 8.93 12.45
CA ARG C 53 -30.89 7.74 11.94
C ARG C 53 -30.86 7.68 10.40
N TYR C 54 -32.00 7.95 9.78
CA TYR C 54 -32.07 7.77 8.31
C TYR C 54 -31.57 9.00 7.54
N CYS C 55 -31.68 10.17 8.11
CA CYS C 55 -30.99 11.35 7.59
C CYS C 55 -29.47 11.18 7.51
N GLU C 56 -28.90 10.71 8.59
CA GLU C 56 -27.47 10.44 8.65
C GLU C 56 -27.01 9.40 7.59
N ALA C 57 -27.80 8.33 7.42
CA ALA C 57 -27.51 7.30 6.42
C ALA C 57 -27.61 7.87 5.02
N ALA C 58 -28.61 8.69 4.79
CA ALA C 58 -28.81 9.32 3.48
C ALA C 58 -27.64 10.26 3.15
N ARG C 59 -27.17 11.03 4.12
CA ARG C 59 -26.02 11.89 3.88
C ARG C 59 -24.73 11.05 3.60
N SER C 60 -24.54 9.98 4.37
CA SER C 60 -23.42 9.11 4.10
C SER C 60 -23.51 8.45 2.66
N GLU C 61 -24.71 8.01 2.27
CA GLU C 61 -24.93 7.47 0.97
C GLU C 61 -24.64 8.45 -0.14
N ILE C 62 -25.09 9.67 0.04
CA ILE C 62 -24.82 10.72 -0.96
C ILE C 62 -23.30 10.90 -1.17
N GLN C 63 -22.54 10.92 -0.10
CA GLN C 63 -21.08 11.02 -0.25
C GLN C 63 -20.51 9.80 -1.04
N VAL C 64 -20.85 8.63 -0.60
CA VAL C 64 -20.33 7.39 -1.29
C VAL C 64 -20.74 7.38 -2.79
N LEU C 65 -21.99 7.71 -3.11
CA LEU C 65 -22.40 7.76 -4.52
C LEU C 65 -21.76 8.85 -5.36
N GLU C 66 -21.51 10.03 -4.79
CA GLU C 66 -20.80 11.03 -5.53
C GLU C 66 -19.41 10.47 -5.90
N HIS C 67 -18.78 9.80 -4.97
CA HIS C 67 -17.48 9.20 -5.19
C HIS C 67 -17.59 8.14 -6.30
N LEU C 68 -18.52 7.20 -6.16
CA LEU C 68 -18.63 6.07 -7.10
C LEU C 68 -19.01 6.54 -8.47
N ASN C 69 -19.94 7.48 -8.54
CA ASN C 69 -20.44 7.90 -9.84
C ASN C 69 -19.36 8.73 -10.56
N THR C 70 -18.44 9.35 -9.82
CA THR C 70 -17.24 9.96 -10.44
C THR C 70 -16.16 8.95 -10.88
N THR C 71 -15.96 7.90 -10.10
CA THR C 71 -15.01 6.89 -10.43
C THR C 71 -15.52 6.01 -11.60
N ASP C 72 -16.83 5.80 -11.72
CA ASP C 72 -17.41 4.99 -12.77
C ASP C 72 -18.61 5.73 -13.37
N PRO C 73 -18.33 6.78 -14.16
CA PRO C 73 -19.44 7.62 -14.68
C PRO C 73 -20.47 6.90 -15.54
N ASN C 74 -20.08 5.80 -16.17
CA ASN C 74 -21.00 5.05 -17.05
C ASN C 74 -21.69 3.86 -16.40
N SER C 75 -21.50 3.66 -15.11
CA SER C 75 -22.05 2.50 -14.44
C SER C 75 -21.64 1.17 -15.07
N THR C 76 -20.41 1.13 -15.52
CA THR C 76 -19.84 -0.09 -15.99
C THR C 76 -19.93 -1.17 -14.92
N PHE C 77 -19.83 -0.77 -13.65
CA PHE C 77 -19.82 -1.71 -12.54
C PHE C 77 -21.17 -1.82 -11.81
N ARG C 78 -22.20 -1.26 -12.42
CA ARG C 78 -23.57 -1.56 -12.08
C ARG C 78 -24.06 -1.09 -10.69
N CYS C 79 -23.42 -0.06 -10.12
CA CYS C 79 -23.96 0.65 -9.00
C CYS C 79 -25.00 1.58 -9.56
N VAL C 80 -26.11 1.73 -8.84
CA VAL C 80 -27.14 2.65 -9.26
C VAL C 80 -26.61 4.09 -9.41
N GLN C 81 -27.14 4.77 -10.42
CA GLN C 81 -26.68 6.13 -10.74
CA GLN C 81 -26.74 6.14 -10.75
C GLN C 81 -27.58 7.14 -9.98
N MET C 82 -26.95 7.92 -9.11
CA MET C 82 -27.63 9.04 -8.47
C MET C 82 -27.56 10.23 -9.40
N LEU C 83 -28.69 10.88 -9.67
CA LEU C 83 -28.69 12.05 -10.53
C LEU C 83 -28.58 13.42 -9.79
N GLU C 84 -29.20 13.52 -8.64
CA GLU C 84 -29.06 14.67 -7.73
C GLU C 84 -29.75 14.40 -6.39
N TRP C 85 -29.68 15.35 -5.48
CA TRP C 85 -30.43 15.25 -4.23
C TRP C 85 -30.90 16.64 -3.82
N PHE C 86 -31.94 16.70 -3.00
CA PHE C 86 -32.44 18.01 -2.55
C PHE C 86 -33.26 17.74 -1.31
N GLU C 87 -33.82 18.79 -0.79
CA GLU C 87 -34.55 18.70 0.45
C GLU C 87 -35.96 19.23 0.20
N HIS C 88 -36.95 18.51 0.70
CA HIS C 88 -38.34 18.85 0.43
C HIS C 88 -39.10 18.70 1.74
N HIS C 89 -39.55 19.83 2.27
CA HIS C 89 -40.29 19.89 3.51
C HIS C 89 -39.58 19.15 4.61
N GLY C 90 -38.26 19.37 4.70
CA GLY C 90 -37.42 18.74 5.72
C GLY C 90 -37.02 17.30 5.50
N HIS C 91 -37.37 16.71 4.34
CA HIS C 91 -36.93 15.37 3.99
C HIS C 91 -35.85 15.41 2.91
N ILE C 92 -34.80 14.64 3.12
CA ILE C 92 -33.79 14.44 2.08
C ILE C 92 -34.39 13.55 1.00
N CYS C 93 -34.26 13.99 -0.26
CA CYS C 93 -34.73 13.24 -1.39
C CYS C 93 -33.54 13.02 -2.32
N ILE C 94 -33.38 11.80 -2.81
CA ILE C 94 -32.27 11.46 -3.68
C ILE C 94 -32.86 10.92 -4.96
N VAL C 95 -32.47 11.50 -6.09
CA VAL C 95 -32.98 11.15 -7.39
C VAL C 95 -32.04 10.16 -8.03
N PHE C 96 -32.60 9.07 -8.53
CA PHE C 96 -31.84 8.03 -9.20
C PHE C 96 -32.41 7.72 -10.58
N GLU C 97 -31.60 7.11 -11.45
CA GLU C 97 -32.10 6.50 -12.63
C GLU C 97 -33.23 5.52 -12.23
N LEU C 98 -34.22 5.37 -13.10
CA LEU C 98 -35.31 4.46 -12.83
C LEU C 98 -34.96 3.02 -13.16
N LEU C 99 -35.07 2.11 -12.18
CA LEU C 99 -34.88 0.68 -12.37
C LEU C 99 -36.26 -0.06 -12.31
N GLY C 100 -36.25 -1.38 -12.28
CA GLY C 100 -37.45 -2.21 -12.07
C GLY C 100 -37.51 -2.77 -10.63
N LEU C 101 -38.20 -3.88 -10.46
CA LEU C 101 -38.42 -4.53 -9.17
C LEU C 101 -37.14 -5.01 -8.57
N SER C 102 -37.05 -5.00 -7.23
CA SER C 102 -35.99 -5.73 -6.59
C SER C 102 -36.13 -7.26 -6.85
N THR C 103 -35.02 -7.91 -6.73
CA THR C 103 -34.97 -9.36 -6.92
C THR C 103 -35.84 -10.01 -5.84
N TYR C 104 -35.87 -9.43 -4.65
CA TYR C 104 -36.76 -9.86 -3.60
C TYR C 104 -38.23 -9.74 -4.01
N ASP C 105 -38.64 -8.57 -4.47
CA ASP C 105 -40.01 -8.40 -4.84
C ASP C 105 -40.42 -9.33 -5.99
N PHE C 106 -39.51 -9.57 -6.93
CA PHE C 106 -39.79 -10.46 -8.03
C PHE C 106 -40.10 -11.87 -7.48
N ILE C 107 -39.25 -12.33 -6.59
CA ILE C 107 -39.43 -13.65 -5.96
C ILE C 107 -40.75 -13.74 -5.20
N LYS C 108 -41.01 -12.72 -4.41
CA LYS C 108 -42.21 -12.65 -3.62
C LYS C 108 -43.45 -12.64 -4.47
N GLU C 109 -43.48 -11.79 -5.50
CA GLU C 109 -44.63 -11.71 -6.40
C GLU C 109 -44.80 -12.97 -7.22
N ASN C 110 -43.76 -13.75 -7.38
CA ASN C 110 -43.86 -14.98 -8.13
C ASN C 110 -44.12 -16.17 -7.17
N GLY C 111 -44.58 -15.88 -5.94
CA GLY C 111 -44.94 -16.92 -4.98
C GLY C 111 -43.78 -17.66 -4.33
N PHE C 112 -42.67 -16.97 -4.15
CA PHE C 112 -41.47 -17.50 -3.58
C PHE C 112 -40.90 -18.70 -4.35
N LEU C 113 -40.85 -18.54 -5.67
CA LEU C 113 -40.23 -19.51 -6.57
C LEU C 113 -38.83 -19.03 -6.94
N PRO C 114 -37.91 -19.97 -7.18
CA PRO C 114 -36.56 -19.61 -7.54
C PRO C 114 -36.39 -19.11 -8.99
N PHE C 115 -35.28 -18.44 -9.26
CA PHE C 115 -34.92 -18.06 -10.61
C PHE C 115 -34.35 -19.30 -11.36
N ARG C 116 -34.41 -19.26 -12.67
CA ARG C 116 -33.83 -20.28 -13.51
C ARG C 116 -32.29 -20.14 -13.43
N LEU C 117 -31.58 -21.23 -13.58
CA LEU C 117 -30.12 -21.23 -13.37
C LEU C 117 -29.40 -20.32 -14.32
N ASP C 118 -29.84 -20.21 -15.57
CA ASP C 118 -29.11 -19.33 -16.53
C ASP C 118 -29.20 -17.90 -16.10
N HIS C 119 -30.36 -17.53 -15.55
CA HIS C 119 -30.50 -16.17 -14.92
C HIS C 119 -29.69 -15.98 -13.67
N ILE C 120 -29.63 -16.99 -12.80
CA ILE C 120 -28.84 -16.87 -11.60
C ILE C 120 -27.37 -16.63 -12.00
N ARG C 121 -26.89 -17.36 -13.00
CA ARG C 121 -25.51 -17.20 -13.43
C ARG C 121 -25.19 -15.77 -13.87
N LYS C 122 -26.02 -15.21 -14.74
CA LYS C 122 -25.87 -13.81 -15.14
C LYS C 122 -25.97 -12.84 -13.98
N MET C 123 -26.94 -13.06 -13.09
CA MET C 123 -27.11 -12.12 -11.97
C MET C 123 -25.93 -12.21 -11.01
N ALA C 124 -25.52 -13.42 -10.70
CA ALA C 124 -24.40 -13.62 -9.78
C ALA C 124 -23.13 -13.00 -10.31
N TYR C 125 -22.90 -13.13 -11.62
CA TYR C 125 -21.75 -12.52 -12.20
C TYR C 125 -21.76 -10.99 -11.99
N GLN C 126 -22.89 -10.37 -12.31
CA GLN C 126 -23.01 -8.95 -12.21
C GLN C 126 -22.90 -8.48 -10.78
N ILE C 127 -23.46 -9.22 -9.84
CA ILE C 127 -23.36 -8.83 -8.43
C ILE C 127 -21.90 -8.88 -7.99
N CYS C 128 -21.20 -9.97 -8.37
CA CYS C 128 -19.82 -10.12 -7.98
C CYS C 128 -18.97 -9.01 -8.57
N LYS C 129 -19.26 -8.66 -9.82
CA LYS C 129 -18.48 -7.66 -10.48
C LYS C 129 -18.69 -6.30 -9.83
N SER C 130 -19.94 -6.00 -9.50
CA SER C 130 -20.28 -4.70 -8.93
C SER C 130 -19.69 -4.56 -7.53
N VAL C 131 -19.85 -5.57 -6.70
CA VAL C 131 -19.37 -5.49 -5.34
C VAL C 131 -17.82 -5.56 -5.33
N ASN C 132 -17.22 -6.28 -6.29
CA ASN C 132 -15.79 -6.27 -6.44
C ASN C 132 -15.20 -4.92 -6.73
N PHE C 133 -15.92 -4.14 -7.55
CA PHE C 133 -15.60 -2.78 -7.77
C PHE C 133 -15.58 -1.98 -6.47
N LEU C 134 -16.59 -2.15 -5.65
CA LEU C 134 -16.55 -1.51 -4.33
C LEU C 134 -15.34 -1.91 -3.53
N HIS C 135 -15.07 -3.21 -3.53
CA HIS C 135 -13.91 -3.75 -2.82
C HIS C 135 -12.59 -3.26 -3.35
N SER C 136 -12.52 -2.90 -4.64
CA SER C 136 -11.31 -2.34 -5.21
CA SER C 136 -11.31 -2.36 -5.19
C SER C 136 -11.17 -0.87 -4.92
N ASN C 137 -12.18 -0.26 -4.33
CA ASN C 137 -12.15 1.11 -4.01
C ASN C 137 -12.25 1.35 -2.51
N LYS C 138 -11.76 0.40 -1.74
CA LYS C 138 -11.66 0.45 -0.28
C LYS C 138 -13.00 0.57 0.46
N LEU C 139 -14.01 -0.03 -0.13
CA LEU C 139 -15.34 0.00 0.41
C LEU C 139 -15.84 -1.40 0.65
N THR C 140 -16.70 -1.52 1.67
CA THR C 140 -17.53 -2.70 1.95
C THR C 140 -19.00 -2.21 2.01
N HIS C 141 -19.90 -2.91 1.32
CA HIS C 141 -21.30 -2.54 1.27
C HIS C 141 -21.98 -2.71 2.63
N THR C 142 -21.83 -3.92 3.17
CA THR C 142 -22.26 -4.35 4.48
C THR C 142 -23.76 -4.77 4.54
N ASP C 143 -24.54 -4.42 3.53
CA ASP C 143 -25.99 -4.68 3.59
C ASP C 143 -26.55 -5.25 2.33
N LEU C 144 -25.84 -6.21 1.76
CA LEU C 144 -26.28 -6.82 0.55
C LEU C 144 -27.38 -7.86 0.91
N LYS C 145 -28.45 -7.83 0.14
CA LYS C 145 -29.57 -8.72 0.32
C LYS C 145 -30.40 -8.55 -0.94
N PRO C 146 -31.39 -9.44 -1.16
CA PRO C 146 -32.09 -9.39 -2.45
C PRO C 146 -32.88 -8.11 -2.66
N GLU C 147 -33.33 -7.51 -1.58
CA GLU C 147 -34.02 -6.22 -1.68
C GLU C 147 -33.16 -5.09 -2.26
N ASN C 148 -31.85 -5.23 -2.13
CA ASN C 148 -30.89 -4.21 -2.56
C ASN C 148 -30.26 -4.53 -3.90
N ILE C 149 -30.75 -5.56 -4.60
CA ILE C 149 -30.34 -5.91 -5.95
C ILE C 149 -31.57 -5.73 -6.78
N LEU C 150 -31.54 -4.79 -7.73
CA LEU C 150 -32.70 -4.47 -8.53
C LEU C 150 -32.46 -4.84 -9.99
N PHE C 151 -33.49 -5.38 -10.62
CA PHE C 151 -33.53 -5.51 -12.05
C PHE C 151 -33.55 -4.17 -12.73
N VAL C 152 -32.71 -4.03 -13.76
CA VAL C 152 -32.78 -2.89 -14.65
C VAL C 152 -34.16 -2.80 -15.27
N GLN C 153 -34.68 -3.93 -15.78
CA GLN C 153 -36.07 -4.03 -16.27
C GLN C 153 -36.68 -5.30 -15.78
N SER C 154 -37.84 -5.23 -15.12
CA SER C 154 -38.37 -6.45 -14.49
C SER C 154 -39.56 -7.05 -15.33
N ASP C 155 -39.73 -6.56 -16.55
CA ASP C 155 -40.67 -7.16 -17.47
C ASP C 155 -40.55 -8.69 -17.57
N TYR C 156 -41.68 -9.35 -17.76
CA TYR C 156 -41.70 -10.81 -17.88
C TYR C 156 -42.71 -11.22 -18.90
N THR C 157 -42.59 -12.46 -19.34
CA THR C 157 -43.66 -13.11 -20.10
C THR C 157 -44.32 -14.10 -19.16
N GLU C 158 -45.55 -14.44 -19.45
CA GLU C 158 -46.31 -15.26 -18.56
C GLU C 158 -46.97 -16.31 -19.41
N ALA C 159 -46.74 -17.57 -19.10
CA ALA C 159 -47.36 -18.62 -19.86
C ALA C 159 -47.71 -19.77 -18.97
N TYR C 160 -48.74 -20.49 -19.39
CA TYR C 160 -49.14 -21.72 -18.74
C TYR C 160 -48.02 -22.74 -18.89
N ASN C 161 -47.57 -23.30 -17.79
CA ASN C 161 -46.60 -24.39 -17.83
C ASN C 161 -47.32 -25.72 -17.64
N PRO C 162 -47.47 -26.52 -18.72
CA PRO C 162 -48.20 -27.80 -18.60
C PRO C 162 -47.60 -28.72 -17.57
N LYS C 163 -46.28 -28.74 -17.46
CA LYS C 163 -45.61 -29.61 -16.51
C LYS C 163 -46.10 -29.45 -15.06
N ILE C 164 -46.16 -28.22 -14.56
CA ILE C 164 -46.67 -27.99 -13.18
C ILE C 164 -48.16 -27.55 -13.09
N LYS C 165 -48.90 -27.66 -14.20
CA LYS C 165 -50.32 -27.28 -14.28
C LYS C 165 -50.71 -25.89 -13.71
N ARG C 166 -49.80 -24.91 -13.83
CA ARG C 166 -50.02 -23.52 -13.37
C ARG C 166 -49.34 -22.48 -14.26
N ASP C 167 -49.82 -21.24 -14.21
CA ASP C 167 -49.16 -20.14 -14.92
C ASP C 167 -47.85 -19.78 -14.26
N GLU C 168 -46.94 -19.22 -15.04
CA GLU C 168 -45.60 -18.98 -14.61
C GLU C 168 -45.02 -17.76 -15.29
N ARG C 169 -44.36 -16.95 -14.51
CA ARG C 169 -43.70 -15.76 -15.02
C ARG C 169 -42.27 -16.10 -15.37
N THR C 170 -41.84 -15.59 -16.52
CA THR C 170 -40.46 -15.70 -16.91
C THR C 170 -39.89 -14.32 -17.16
N LEU C 171 -38.93 -13.99 -16.35
CA LEU C 171 -38.14 -12.80 -16.50
C LEU C 171 -37.52 -12.70 -17.91
N ILE C 172 -37.61 -11.54 -18.54
CA ILE C 172 -37.09 -11.33 -19.90
C ILE C 172 -35.63 -10.95 -19.87
N ASN C 173 -35.25 -9.96 -19.08
CA ASN C 173 -33.84 -9.51 -18.98
C ASN C 173 -33.43 -9.53 -17.54
N PRO C 174 -32.44 -10.37 -17.20
CA PRO C 174 -32.01 -10.47 -15.83
C PRO C 174 -30.92 -9.46 -15.35
N ASP C 175 -30.56 -8.45 -16.14
CA ASP C 175 -29.52 -7.47 -15.72
C ASP C 175 -29.93 -6.79 -14.42
N ILE C 176 -28.95 -6.55 -13.54
CA ILE C 176 -29.21 -5.92 -12.27
C ILE C 176 -28.27 -4.75 -12.00
N LYS C 177 -28.66 -4.00 -10.98
CA LYS C 177 -27.81 -3.00 -10.33
C LYS C 177 -27.91 -3.16 -8.81
N VAL C 178 -26.86 -2.69 -8.12
CA VAL C 178 -26.80 -2.73 -6.69
C VAL C 178 -27.17 -1.34 -6.12
N VAL C 179 -27.98 -1.32 -5.08
CA VAL C 179 -28.45 -0.06 -4.44
C VAL C 179 -28.18 -0.10 -2.96
N ASP C 180 -28.43 1.05 -2.36
CA ASP C 180 -28.37 1.30 -0.93
C ASP C 180 -26.96 1.35 -0.37
N PHE C 181 -26.42 2.55 -0.38
CA PHE C 181 -25.04 2.76 0.05
C PHE C 181 -24.95 3.46 1.35
N GLY C 182 -26.07 3.47 2.09
CA GLY C 182 -26.16 4.19 3.38
C GLY C 182 -25.37 3.51 4.50
N SER C 183 -24.97 2.27 4.33
CA SER C 183 -24.13 1.62 5.36
C SER C 183 -22.70 1.32 4.89
N ALA C 184 -22.42 1.62 3.61
CA ALA C 184 -21.14 1.33 2.99
C ALA C 184 -20.03 2.02 3.76
N THR C 185 -18.99 1.26 4.05
CA THR C 185 -17.95 1.72 4.96
C THR C 185 -16.57 1.67 4.28
N TYR C 186 -15.80 2.75 4.42
CA TYR C 186 -14.46 2.78 3.88
C TYR C 186 -13.51 2.01 4.81
N ASP C 187 -12.42 1.48 4.22
CA ASP C 187 -11.42 0.79 5.01
C ASP C 187 -10.92 1.61 6.20
N ASP C 188 -10.73 2.91 6.03
CA ASP C 188 -10.06 3.71 7.08
C ASP C 188 -11.04 4.34 8.05
N GLU C 189 -12.35 4.11 7.90
CA GLU C 189 -13.29 4.64 8.89
C GLU C 189 -13.58 3.66 10.01
N HIS C 190 -13.98 4.15 11.18
CA HIS C 190 -14.20 3.29 12.36
C HIS C 190 -15.47 2.43 12.03
N HIS C 191 -15.35 1.10 12.15
CA HIS C 191 -16.35 0.13 11.69
C HIS C 191 -17.41 -0.03 12.80
N SER C 192 -18.70 0.06 12.50
CA SER C 192 -19.63 -0.31 13.62
C SER C 192 -19.59 -1.80 13.92
N THR C 193 -19.95 -2.17 15.15
CA THR C 193 -19.89 -3.58 15.57
C THR C 193 -20.89 -4.43 14.84
N LEU C 194 -22.07 -3.88 14.67
CA LEU C 194 -23.16 -4.60 14.07
C LEU C 194 -23.41 -4.09 12.66
N VAL C 195 -23.38 -5.01 11.69
CA VAL C 195 -23.75 -4.67 10.32
C VAL C 195 -24.55 -5.84 9.69
N SER C 196 -25.13 -5.55 8.51
CA SER C 196 -25.91 -6.47 7.72
C SER C 196 -27.29 -6.75 8.29
N THR C 197 -28.23 -7.06 7.38
CA THR C 197 -29.52 -7.55 7.79
C THR C 197 -29.28 -8.96 8.27
N ARG C 198 -29.94 -9.37 9.36
CA ARG C 198 -29.58 -10.56 10.09
C ARG C 198 -29.41 -11.78 9.22
N HIS C 199 -30.35 -12.03 8.32
CA HIS C 199 -30.31 -13.25 7.53
C HIS C 199 -29.07 -13.33 6.61
N TYR C 200 -28.40 -12.19 6.35
CA TYR C 200 -27.30 -12.13 5.39
C TYR C 200 -25.99 -11.80 6.11
N ARG C 201 -26.04 -11.90 7.42
CA ARG C 201 -24.92 -11.48 8.30
C ARG C 201 -23.88 -12.58 8.43
N ALA C 202 -22.62 -12.21 8.23
CA ALA C 202 -21.50 -13.13 8.34
C ALA C 202 -21.19 -13.53 9.79
N PRO C 203 -20.59 -14.72 9.98
CA PRO C 203 -20.28 -15.21 11.33
C PRO C 203 -19.30 -14.35 12.11
N GLU C 204 -18.30 -13.79 11.44
CA GLU C 204 -17.35 -12.86 12.10
C GLU C 204 -18.05 -11.58 12.63
N VAL C 205 -19.16 -11.20 11.99
CA VAL C 205 -19.98 -10.08 12.49
C VAL C 205 -20.73 -10.51 13.74
N ILE C 206 -21.36 -11.68 13.68
CA ILE C 206 -22.14 -12.18 14.81
C ILE C 206 -21.22 -12.40 16.00
N LEU C 207 -19.99 -12.86 15.75
CA LEU C 207 -19.07 -13.16 16.88
C LEU C 207 -18.20 -11.97 17.27
N ALA C 208 -18.45 -10.83 16.60
CA ALA C 208 -17.81 -9.56 16.87
C ALA C 208 -16.30 -9.69 16.80
N LEU C 209 -15.82 -10.35 15.74
CA LEU C 209 -14.40 -10.60 15.56
C LEU C 209 -13.73 -9.55 14.63
N GLY C 210 -14.48 -8.56 14.16
CA GLY C 210 -14.00 -7.59 13.20
C GLY C 210 -14.43 -8.05 11.82
N TRP C 211 -14.65 -7.10 10.92
CA TRP C 211 -15.13 -7.43 9.61
C TRP C 211 -14.56 -6.48 8.59
N SER C 212 -14.55 -6.92 7.33
CA SER C 212 -14.21 -6.03 6.23
C SER C 212 -14.83 -6.64 4.97
N GLN C 213 -14.16 -6.53 3.82
CA GLN C 213 -14.78 -6.95 2.57
C GLN C 213 -15.35 -8.38 2.57
N PRO C 214 -14.69 -9.33 3.24
CA PRO C 214 -15.24 -10.66 3.17
C PRO C 214 -16.70 -10.80 3.68
N CYS C 215 -17.16 -9.94 4.59
CA CYS C 215 -18.55 -10.04 5.07
C CYS C 215 -19.57 -9.85 3.94
N ASP C 216 -19.21 -9.07 2.90
CA ASP C 216 -19.99 -8.95 1.71
C ASP C 216 -20.08 -10.27 0.90
N VAL C 217 -18.98 -10.99 0.84
CA VAL C 217 -18.96 -12.29 0.13
C VAL C 217 -19.91 -13.28 0.78
N TRP C 218 -19.88 -13.34 2.10
CA TRP C 218 -20.82 -14.14 2.81
C TRP C 218 -22.22 -13.79 2.43
N SER C 219 -22.54 -12.51 2.45
CA SER C 219 -23.91 -12.07 2.12
C SER C 219 -24.32 -12.49 0.71
N ILE C 220 -23.39 -12.40 -0.22
CA ILE C 220 -23.63 -12.85 -1.57
C ILE C 220 -23.90 -14.35 -1.67
N GLY C 221 -23.14 -15.15 -0.95
CA GLY C 221 -23.48 -16.56 -0.88
C GLY C 221 -24.89 -16.83 -0.44
N CYS C 222 -25.31 -16.09 0.58
CA CYS C 222 -26.69 -16.21 1.06
C CYS C 222 -27.69 -15.81 0.01
N ILE C 223 -27.38 -14.77 -0.74
CA ILE C 223 -28.31 -14.28 -1.79
C ILE C 223 -28.42 -15.32 -2.92
N LEU C 224 -27.30 -15.89 -3.31
CA LEU C 224 -27.33 -16.91 -4.40
C LEU C 224 -28.13 -18.14 -4.08
N ILE C 225 -27.98 -18.64 -2.85
CA ILE C 225 -28.73 -19.81 -2.42
C ILE C 225 -30.23 -19.52 -2.39
N GLU C 226 -30.58 -18.28 -1.99
CA GLU C 226 -31.94 -17.84 -2.01
C GLU C 226 -32.52 -17.71 -3.42
N TYR C 227 -31.75 -17.26 -4.35
CA TYR C 227 -32.18 -17.19 -5.73
C TYR C 227 -32.41 -18.61 -6.30
N TYR C 228 -31.57 -19.53 -5.87
CA TYR C 228 -31.68 -20.95 -6.29
C TYR C 228 -32.86 -21.68 -5.71
N LEU C 229 -33.17 -21.38 -4.44
CA LEU C 229 -34.27 -22.08 -3.74
C LEU C 229 -35.61 -21.34 -3.72
N GLY C 230 -35.55 -20.02 -3.79
CA GLY C 230 -36.75 -19.18 -3.62
C GLY C 230 -37.04 -18.74 -2.20
N PHE C 231 -36.21 -19.14 -1.27
CA PHE C 231 -36.46 -18.83 0.09
C PHE C 231 -35.20 -18.56 0.81
N THR C 232 -35.35 -17.80 1.89
CA THR C 232 -34.25 -17.36 2.74
C THR C 232 -33.71 -18.53 3.51
N VAL C 233 -32.43 -18.70 3.51
CA VAL C 233 -31.86 -19.92 4.09
C VAL C 233 -31.70 -19.86 5.62
N PHE C 234 -31.57 -18.66 6.18
CA PHE C 234 -31.40 -18.51 7.59
C PHE C 234 -32.60 -17.72 8.11
N PRO C 235 -33.76 -18.35 8.18
CA PRO C 235 -34.98 -17.63 8.63
C PRO C 235 -35.10 -17.64 10.18
N THR C 236 -34.34 -16.75 10.80
CA THR C 236 -34.40 -16.59 12.23
C THR C 236 -34.21 -15.14 12.61
N HIS C 237 -34.55 -14.81 13.83
CA HIS C 237 -34.34 -13.50 14.37
C HIS C 237 -33.54 -13.53 15.67
N ASP C 238 -32.77 -14.59 15.88
CA ASP C 238 -32.00 -14.77 17.07
C ASP C 238 -30.58 -15.20 16.66
N SER C 239 -29.55 -14.60 17.25
CA SER C 239 -28.19 -14.91 16.87
C SER C 239 -27.75 -16.35 17.19
N LYS C 240 -28.07 -16.90 18.36
CA LYS C 240 -27.64 -18.28 18.67
C LYS C 240 -28.28 -19.26 17.71
N GLU C 241 -29.54 -19.04 17.43
CA GLU C 241 -30.26 -19.93 16.52
C GLU C 241 -29.68 -19.84 15.13
N HIS C 242 -29.28 -18.64 14.75
CA HIS C 242 -28.66 -18.41 13.46
C HIS C 242 -27.34 -19.26 13.36
N LEU C 243 -26.55 -19.22 14.43
CA LEU C 243 -25.34 -20.01 14.49
C LEU C 243 -25.66 -21.51 14.45
N ALA C 244 -26.74 -21.92 15.08
CA ALA C 244 -27.16 -23.30 15.03
C ALA C 244 -27.55 -23.70 13.61
N MET C 245 -28.21 -22.81 12.91
CA MET C 245 -28.54 -23.03 11.50
C MET C 245 -27.30 -23.17 10.63
N MET C 246 -26.35 -22.27 10.81
CA MET C 246 -25.07 -22.39 10.17
C MET C 246 -24.39 -23.73 10.40
N GLU C 247 -24.37 -24.20 11.64
CA GLU C 247 -23.73 -25.49 11.93
C GLU C 247 -24.42 -26.63 11.22
N ARG C 248 -25.74 -26.58 11.16
CA ARG C 248 -26.48 -27.64 10.52
C ARG C 248 -26.23 -27.65 9.01
N ILE C 249 -26.05 -26.50 8.41
CA ILE C 249 -25.84 -26.43 6.99
C ILE C 249 -24.34 -26.59 6.54
N LEU C 250 -23.42 -26.08 7.35
CA LEU C 250 -22.02 -25.93 6.96
C LEU C 250 -21.06 -26.68 7.86
N GLY C 251 -21.56 -27.27 8.91
CA GLY C 251 -20.71 -27.92 9.86
C GLY C 251 -20.29 -26.98 10.97
N PRO C 252 -19.53 -27.53 11.93
CA PRO C 252 -19.17 -26.79 13.10
C PRO C 252 -18.30 -25.62 12.76
N LEU C 253 -18.46 -24.57 13.55
CA LEU C 253 -17.63 -23.39 13.41
C LEU C 253 -16.16 -23.74 13.70
N PRO C 254 -15.24 -23.01 13.10
CA PRO C 254 -13.84 -23.23 13.43
C PRO C 254 -13.54 -22.96 14.88
N LYS C 255 -12.79 -23.86 15.49
CA LYS C 255 -12.41 -23.75 16.86
C LYS C 255 -11.70 -22.45 17.21
N HIS C 256 -10.88 -21.93 16.30
CA HIS C 256 -10.12 -20.73 16.58
C HIS C 256 -11.03 -19.49 16.65
N MET C 257 -12.08 -19.46 15.88
CA MET C 257 -13.07 -18.37 15.96
C MET C 257 -13.87 -18.48 17.27
N ILE C 258 -14.27 -19.69 17.65
CA ILE C 258 -14.96 -19.91 18.89
C ILE C 258 -14.11 -19.50 20.10
N GLN C 259 -12.82 -19.79 20.04
CA GLN C 259 -11.92 -19.43 21.13
C GLN C 259 -11.62 -17.95 21.17
N LYS C 260 -11.65 -17.26 20.05
CA LYS C 260 -11.35 -15.85 20.00
C LYS C 260 -12.51 -14.91 20.40
N THR C 261 -13.77 -15.30 20.13
CA THR C 261 -14.89 -14.40 20.33
C THR C 261 -15.05 -14.02 21.81
N ARG C 262 -15.58 -12.83 22.04
CA ARG C 262 -15.96 -12.40 23.37
C ARG C 262 -17.40 -12.79 23.69
N LYS C 263 -18.15 -13.24 22.70
CA LYS C 263 -19.54 -13.63 22.87
C LYS C 263 -19.59 -15.01 23.49
N ARG C 264 -19.18 -15.12 24.75
CA ARG C 264 -19.09 -16.39 25.45
C ARG C 264 -20.50 -16.98 25.67
N LYS C 265 -21.50 -16.12 25.75
CA LYS C 265 -22.89 -16.55 25.91
C LYS C 265 -23.35 -17.60 24.92
N TYR C 266 -22.75 -17.67 23.74
CA TYR C 266 -23.21 -18.60 22.74
C TYR C 266 -22.65 -20.01 22.97
N PHE C 267 -21.68 -20.17 23.86
CA PHE C 267 -20.85 -21.37 23.88
C PHE C 267 -20.72 -22.06 25.21
N HIS C 268 -20.45 -23.37 25.15
CA HIS C 268 -20.16 -24.14 26.34
C HIS C 268 -19.13 -25.19 25.97
N HIS C 269 -18.01 -25.20 26.68
CA HIS C 269 -16.88 -26.06 26.35
C HIS C 269 -16.47 -25.93 24.89
N ASP C 270 -16.39 -24.68 24.40
CA ASP C 270 -16.02 -24.39 23.00
C ASP C 270 -16.87 -25.10 21.96
N ARG C 271 -18.13 -25.32 22.30
CA ARG C 271 -19.12 -25.77 21.34
C ARG C 271 -20.39 -24.93 21.52
N LEU C 272 -21.15 -24.79 20.45
CA LEU C 272 -22.36 -23.98 20.50
C LEU C 272 -23.29 -24.50 21.55
N ASP C 273 -23.80 -23.62 22.41
CA ASP C 273 -24.65 -24.03 23.52
C ASP C 273 -26.12 -24.15 23.10
N TRP C 274 -26.43 -25.25 22.44
CA TRP C 274 -27.65 -25.35 21.69
C TRP C 274 -28.34 -26.69 21.92
N ASP C 275 -29.55 -26.68 22.47
CA ASP C 275 -30.32 -27.91 22.64
C ASP C 275 -31.10 -28.30 21.39
N GLU C 276 -30.59 -29.29 20.66
CA GLU C 276 -31.23 -29.79 19.44
C GLU C 276 -32.64 -30.37 19.62
N HIS C 277 -32.96 -30.82 20.83
CA HIS C 277 -34.27 -31.45 21.11
C HIS C 277 -35.26 -30.47 21.71
N SER C 278 -34.85 -29.23 21.95
CA SER C 278 -35.81 -28.18 22.31
C SER C 278 -36.66 -27.87 21.09
N SER C 279 -37.70 -27.08 21.29
CA SER C 279 -38.60 -26.73 20.20
C SER C 279 -37.87 -25.94 19.12
N ALA C 280 -37.12 -24.90 19.52
CA ALA C 280 -36.27 -24.15 18.61
C ALA C 280 -35.30 -25.10 17.89
N GLY C 281 -34.80 -26.09 18.62
CA GLY C 281 -33.89 -27.08 18.08
C GLY C 281 -34.49 -27.91 16.97
N ARG C 282 -35.70 -28.37 17.17
CA ARG C 282 -36.36 -29.20 16.18
C ARG C 282 -36.75 -28.37 14.92
N TYR C 283 -37.13 -27.09 15.11
CA TYR C 283 -37.35 -26.14 14.00
C TYR C 283 -36.09 -25.94 13.15
N VAL C 284 -34.94 -25.82 13.80
CA VAL C 284 -33.69 -25.71 13.04
C VAL C 284 -33.37 -26.99 12.26
N SER C 285 -33.52 -28.13 12.89
CA SER C 285 -33.27 -29.41 12.22
C SER C 285 -34.17 -29.60 11.01
N ARG C 286 -35.42 -29.14 11.10
CA ARG C 286 -36.36 -29.31 10.01
C ARG C 286 -36.19 -28.23 8.96
N ALA C 287 -35.69 -27.05 9.29
CA ALA C 287 -35.49 -26.03 8.29
C ALA C 287 -34.13 -26.13 7.58
N CYS C 288 -33.18 -26.74 8.27
CA CYS C 288 -31.80 -26.76 7.81
C CYS C 288 -31.19 -28.15 7.64
N LYS C 289 -30.28 -28.27 6.69
CA LYS C 289 -29.61 -29.56 6.43
C LYS C 289 -28.35 -29.25 5.69
N PRO C 290 -27.44 -30.25 5.54
CA PRO C 290 -26.15 -29.91 4.92
C PRO C 290 -26.32 -29.28 3.54
N LEU C 291 -25.54 -28.24 3.29
CA LEU C 291 -25.66 -27.37 2.09
C LEU C 291 -25.96 -28.13 0.80
N LYS C 292 -25.22 -29.20 0.55
CA LYS C 292 -25.36 -29.87 -0.76
C LYS C 292 -26.64 -30.63 -0.89
N GLU C 293 -27.28 -30.97 0.23
CA GLU C 293 -28.59 -31.63 0.16
C GLU C 293 -29.68 -30.70 -0.38
N PHE C 294 -29.42 -29.40 -0.43
CA PHE C 294 -30.36 -28.45 -1.05
C PHE C 294 -30.39 -28.48 -2.58
N MET C 295 -29.41 -29.15 -3.19
CA MET C 295 -29.29 -29.17 -4.66
C MET C 295 -30.49 -29.83 -5.27
N LEU C 296 -31.04 -29.28 -6.34
CA LEU C 296 -32.24 -29.78 -6.94
C LEU C 296 -31.94 -30.65 -8.11
N SER C 297 -30.69 -30.69 -8.51
CA SER C 297 -30.22 -31.56 -9.60
C SER C 297 -28.75 -31.89 -9.35
N GLN C 298 -28.33 -33.01 -9.89
CA GLN C 298 -26.94 -33.38 -9.86
C GLN C 298 -26.17 -32.87 -11.09
N ASP C 299 -26.84 -32.21 -12.03
CA ASP C 299 -26.19 -31.70 -13.22
CA ASP C 299 -26.17 -31.73 -13.22
C ASP C 299 -24.95 -30.93 -12.82
N VAL C 300 -23.92 -31.01 -13.65
CA VAL C 300 -22.69 -30.33 -13.33
C VAL C 300 -22.82 -28.84 -13.13
N GLU C 301 -23.72 -28.17 -13.83
CA GLU C 301 -23.86 -26.72 -13.62
C GLU C 301 -24.39 -26.39 -12.23
N HIS C 302 -25.23 -27.27 -11.68
CA HIS C 302 -25.69 -27.12 -10.30
C HIS C 302 -24.56 -27.39 -9.33
N GLU C 303 -23.75 -28.39 -9.60
CA GLU C 303 -22.57 -28.69 -8.80
C GLU C 303 -21.58 -27.48 -8.81
N ARG C 304 -21.44 -26.83 -9.96
CA ARG C 304 -20.58 -25.64 -10.02
C ARG C 304 -21.09 -24.52 -9.18
N LEU C 305 -22.37 -24.24 -9.27
CA LEU C 305 -22.95 -23.15 -8.41
C LEU C 305 -22.72 -23.46 -6.93
N PHE C 306 -22.99 -24.67 -6.52
CA PHE C 306 -22.86 -25.02 -5.09
C PHE C 306 -21.44 -25.04 -4.59
N ASP C 307 -20.50 -25.29 -5.47
CA ASP C 307 -19.09 -25.18 -5.09
C ASP C 307 -18.75 -23.73 -4.78
N LEU C 308 -19.20 -22.84 -5.65
CA LEU C 308 -19.02 -21.42 -5.45
C LEU C 308 -19.70 -20.95 -4.18
N ILE C 309 -20.99 -21.32 -4.01
CA ILE C 309 -21.69 -20.91 -2.77
C ILE C 309 -20.93 -21.45 -1.54
N GLN C 310 -20.44 -22.69 -1.63
CA GLN C 310 -19.73 -23.27 -0.47
C GLN C 310 -18.49 -22.41 -0.13
N LYS C 311 -17.81 -21.93 -1.15
CA LYS C 311 -16.63 -21.15 -0.90
C LYS C 311 -16.95 -19.75 -0.35
N MET C 312 -18.08 -19.23 -0.72
CA MET C 312 -18.54 -17.94 -0.20
C MET C 312 -19.00 -18.05 1.26
N LEU C 313 -19.50 -19.22 1.63
CA LEU C 313 -19.94 -19.49 2.98
C LEU C 313 -18.88 -20.18 3.84
N GLU C 314 -17.63 -19.95 3.52
CA GLU C 314 -16.49 -20.32 4.37
C GLU C 314 -16.58 -19.49 5.64
N TYR C 315 -16.47 -20.17 6.78
CA TYR C 315 -16.67 -19.52 8.06
C TYR C 315 -15.55 -18.47 8.30
N ASP C 316 -14.32 -18.84 7.98
CA ASP C 316 -13.20 -18.01 8.31
C ASP C 316 -13.04 -16.96 7.23
N PRO C 317 -13.27 -15.69 7.57
CA PRO C 317 -13.18 -14.66 6.52
C PRO C 317 -11.80 -14.57 5.83
N ALA C 318 -10.74 -15.00 6.51
CA ALA C 318 -9.41 -14.96 5.90
C ALA C 318 -9.27 -16.01 4.82
N LYS C 319 -10.08 -17.05 4.87
CA LYS C 319 -10.02 -18.12 3.88
C LYS C 319 -11.13 -18.01 2.88
N ARG C 320 -12.15 -17.20 3.15
CA ARG C 320 -13.23 -17.07 2.25
C ARG C 320 -12.73 -16.58 0.87
N ILE C 321 -13.36 -17.11 -0.15
CA ILE C 321 -13.09 -16.67 -1.52
C ILE C 321 -13.32 -15.16 -1.64
N THR C 322 -12.43 -14.49 -2.37
CA THR C 322 -12.63 -13.06 -2.67
C THR C 322 -13.48 -12.99 -3.92
N LEU C 323 -14.05 -11.82 -4.17
CA LEU C 323 -14.84 -11.63 -5.40
C LEU C 323 -14.02 -11.65 -6.68
N ARG C 324 -12.81 -11.16 -6.59
CA ARG C 324 -11.87 -11.29 -7.69
C ARG C 324 -11.72 -12.75 -8.13
N GLU C 325 -11.55 -13.66 -7.18
CA GLU C 325 -11.38 -15.08 -7.49
C GLU C 325 -12.75 -15.65 -7.96
N ALA C 326 -13.83 -15.21 -7.34
CA ALA C 326 -15.17 -15.76 -7.66
C ALA C 326 -15.49 -15.50 -9.14
N LEU C 327 -15.04 -14.35 -9.67
CA LEU C 327 -15.32 -14.00 -11.09
C LEU C 327 -14.71 -15.00 -12.06
N LYS C 328 -13.70 -15.73 -11.61
CA LYS C 328 -13.06 -16.77 -12.40
C LYS C 328 -13.58 -18.20 -12.21
N HIS C 329 -14.53 -18.38 -11.33
CA HIS C 329 -15.04 -19.68 -10.97
C HIS C 329 -15.71 -20.34 -12.18
N PRO C 330 -15.58 -21.65 -12.31
CA PRO C 330 -16.14 -22.41 -13.48
C PRO C 330 -17.65 -22.25 -13.73
N PHE C 331 -18.37 -21.91 -12.67
CA PHE C 331 -19.77 -21.59 -12.81
C PHE C 331 -19.98 -20.51 -13.89
N PHE C 332 -19.01 -19.58 -14.00
CA PHE C 332 -19.16 -18.50 -14.94
C PHE C 332 -18.63 -18.78 -16.34
N ASP C 333 -18.08 -19.96 -16.58
CA ASP C 333 -17.50 -20.26 -17.89
C ASP C 333 -18.50 -20.14 -19.03
N LEU C 334 -19.75 -20.55 -18.82
CA LEU C 334 -20.74 -20.43 -19.88
C LEU C 334 -20.93 -19.00 -20.33
N LEU C 335 -20.61 -18.02 -19.49
CA LEU C 335 -20.76 -16.62 -19.88
C LEU C 335 -19.64 -16.15 -20.79
N LYS C 336 -18.59 -16.93 -20.98
CA LYS C 336 -17.38 -16.45 -21.65
C LYS C 336 -17.11 -17.09 -23.00
N LYS C 337 -16.44 -16.30 -23.87
CA LYS C 337 -16.01 -16.70 -25.24
C LYS C 337 -15.42 -18.10 -25.30
#